data_7LI1
#
_entry.id   7LI1
#
_cell.length_a   62.130
_cell.length_b   67.560
_cell.length_c   73.770
_cell.angle_alpha   91.020
_cell.angle_beta   92.260
_cell.angle_gamma   105.020
#
_symmetry.space_group_name_H-M   'P 1'
#
loop_
_entity.id
_entity.type
_entity.pdbx_description
1 polymer 'Fe(3+) ABC transporter substrate-binding protein'
2 non-polymer 'CARBONATE ION'
3 non-polymer 'FE (III) ION'
4 water water
#
_entity_poly.entity_id   1
_entity_poly.type   'polypeptide(L)'
_entity_poly.pdbx_seq_one_letter_code
;NEIVVYSARADELLKPIAEAYQQKTGTKVTVVSDKAGPLMERLKAEGKNTQADVLITVDGGNLWQATQAGVLRPINSSVL
KSNIPSHLRDPKNHWFGLSVRARTIFYNPNKVNPSELSTYADLADPKWKGRLCLRTSNNVYNQSLVATMIANHGQATTDR
VVKGWVANLAAAPFANDTALLEAIDAGRCDVGIANTYYYGRLLNSKPQVANNVKVFFANQAGKGTHVNVSGAGVVKHSDN
PAEAQKFIEWLSSNEAQRLYADRNFEYPANIQVTPTPAVARWGRFKQDFINVSVAGQNQQKAIMTMKRAGYK
;
_entity_poly.pdbx_strand_id   A,B,C,D
#
loop_
_chem_comp.id
_chem_comp.type
_chem_comp.name
_chem_comp.formula
CO3 non-polymer 'CARBONATE ION' 'C O3 -2'
FE non-polymer 'FE (III) ION' 'Fe 3'
#
# COMPACT_ATOMS: atom_id res chain seq x y z
N ASN A 1 33.55 17.81 -29.01
CA ASN A 1 33.37 16.42 -28.63
C ASN A 1 32.03 15.87 -29.13
N GLU A 2 31.66 14.69 -28.65
CA GLU A 2 30.45 14.00 -29.11
C GLU A 2 29.96 13.07 -28.02
N ILE A 3 28.62 12.95 -27.90
CA ILE A 3 27.99 12.00 -27.00
C ILE A 3 26.98 11.20 -27.81
N VAL A 4 26.69 9.98 -27.34
CA VAL A 4 25.75 9.07 -27.97
C VAL A 4 24.57 8.86 -27.04
N VAL A 5 23.35 9.05 -27.57
CA VAL A 5 22.14 8.88 -26.80
C VAL A 5 21.34 7.72 -27.37
N TYR A 6 21.10 6.68 -26.57
CA TYR A 6 20.13 5.65 -26.89
C TYR A 6 18.76 6.09 -26.38
N SER A 7 17.79 6.21 -27.28
CA SER A 7 16.52 6.83 -26.94
C SER A 7 15.34 5.95 -27.34
N ALA A 8 14.39 5.80 -26.41
CA ALA A 8 13.13 5.13 -26.70
C ALA A 8 12.04 6.11 -27.10
N ARG A 9 12.35 7.40 -27.22
CA ARG A 9 11.40 8.41 -27.64
C ARG A 9 11.28 8.44 -29.15
N ALA A 10 10.23 9.11 -29.63
CA ALA A 10 10.05 9.32 -31.06
C ALA A 10 11.26 10.05 -31.61
N ASP A 11 11.80 9.54 -32.72
CA ASP A 11 13.04 10.11 -33.27
C ASP A 11 12.88 11.59 -33.58
N GLU A 12 11.71 12.00 -34.05
CA GLU A 12 11.51 13.42 -34.35
C GLU A 12 11.52 14.26 -33.08
N LEU A 13 11.34 13.66 -31.92
CA LEU A 13 11.25 14.45 -30.71
C LEU A 13 12.63 14.85 -30.21
N LEU A 14 13.62 13.99 -30.37
CA LEU A 14 14.97 14.29 -29.92
C LEU A 14 15.80 15.07 -30.93
N LYS A 15 15.37 15.13 -32.20
CA LYS A 15 16.15 15.86 -33.20
C LYS A 15 16.34 17.32 -32.82
N PRO A 16 15.31 18.09 -32.44
CA PRO A 16 15.56 19.47 -31.96
C PRO A 16 16.37 19.52 -30.69
N ILE A 17 16.30 18.49 -29.86
CA ILE A 17 17.05 18.48 -28.60
C ILE A 17 18.54 18.40 -28.88
N ALA A 18 18.93 17.51 -29.78
CA ALA A 18 20.35 17.37 -30.14
C ALA A 18 20.88 18.63 -30.82
N GLU A 19 20.06 19.28 -31.66
CA GLU A 19 20.53 20.46 -32.36
C GLU A 19 20.72 21.64 -31.41
N ALA A 20 19.78 21.82 -30.46
CA ALA A 20 19.88 22.96 -29.55
C ALA A 20 21.06 22.82 -28.61
N TYR A 21 21.44 21.59 -28.27
CA TYR A 21 22.56 21.37 -27.37
C TYR A 21 23.90 21.54 -28.09
N GLN A 22 23.97 21.13 -29.36
CA GLN A 22 25.18 21.39 -30.12
C GLN A 22 25.36 22.87 -30.38
N GLN A 23 24.28 23.60 -30.61
CA GLN A 23 24.40 25.04 -30.82
C GLN A 23 24.84 25.75 -29.55
N LYS A 24 24.41 25.26 -28.38
CA LYS A 24 24.74 25.93 -27.12
C LYS A 24 26.15 25.60 -26.66
N THR A 25 26.60 24.35 -26.83
CA THR A 25 27.85 23.88 -26.25
C THR A 25 28.86 23.36 -27.26
N GLY A 26 28.48 23.21 -28.53
CA GLY A 26 29.38 22.68 -29.53
C GLY A 26 29.50 21.17 -29.55
N THR A 27 28.82 20.47 -28.66
CA THR A 27 28.92 19.02 -28.56
C THR A 27 27.92 18.32 -29.47
N LYS A 28 28.43 17.41 -30.31
CA LYS A 28 27.56 16.63 -31.17
C LYS A 28 26.79 15.59 -30.38
N VAL A 29 25.49 15.49 -30.64
CA VAL A 29 24.60 14.56 -29.94
C VAL A 29 24.07 13.58 -30.98
N THR A 30 24.59 12.36 -30.94
CA THR A 30 24.15 11.29 -31.84
C THR A 30 23.02 10.50 -31.16
N VAL A 31 21.87 10.41 -31.82
CA VAL A 31 20.69 9.74 -31.28
C VAL A 31 20.50 8.43 -32.01
N VAL A 32 20.50 7.34 -31.26
CA VAL A 32 20.15 6.00 -31.76
C VAL A 32 18.84 5.58 -31.11
N SER A 33 17.79 5.46 -31.91
CA SER A 33 16.44 5.22 -31.41
C SER A 33 16.00 3.78 -31.62
N ASP A 34 15.24 3.25 -30.66
CA ASP A 34 14.63 1.92 -30.75
C ASP A 34 13.59 1.84 -29.65
N LYS A 35 12.79 0.77 -29.69
CA LYS A 35 11.84 0.55 -28.61
C LYS A 35 12.58 0.27 -27.30
N ALA A 36 11.91 0.55 -26.19
CA ALA A 36 12.55 0.55 -24.87
C ALA A 36 13.18 -0.80 -24.54
N GLY A 37 12.41 -1.87 -24.65
CA GLY A 37 12.92 -3.18 -24.36
C GLY A 37 14.13 -3.54 -25.20
N PRO A 38 13.97 -3.55 -26.53
CA PRO A 38 15.11 -3.89 -27.39
C PRO A 38 16.33 -3.00 -27.18
N LEU A 39 16.09 -1.70 -26.97
CA LEU A 39 17.18 -0.77 -26.71
C LEU A 39 17.93 -1.15 -25.45
N MET A 40 17.21 -1.46 -24.37
CA MET A 40 17.88 -1.88 -23.14
C MET A 40 18.55 -3.23 -23.32
N GLU A 41 17.92 -4.12 -24.10
CA GLU A 41 18.54 -5.39 -24.41
C GLU A 41 19.81 -5.20 -25.24
N ARG A 42 19.83 -4.16 -26.08
CA ARG A 42 21.05 -3.82 -26.81
C ARG A 42 22.15 -3.33 -25.88
N LEU A 43 21.80 -2.38 -25.00
CA LEU A 43 22.78 -1.81 -24.08
C LEU A 43 23.38 -2.87 -23.18
N LYS A 44 22.55 -3.79 -22.69
CA LYS A 44 23.05 -4.87 -21.83
C LYS A 44 24.02 -5.76 -22.61
N ALA A 45 23.73 -6.01 -23.89
CA ALA A 45 24.58 -6.92 -24.67
C ALA A 45 25.93 -6.27 -25.00
N GLU A 46 25.94 -4.95 -25.23
CA GLU A 46 27.17 -4.31 -25.65
C GLU A 46 28.20 -4.26 -24.53
N GLY A 47 27.77 -4.19 -23.27
CA GLY A 47 28.71 -4.30 -22.17
C GLY A 47 29.71 -3.15 -22.16
N LYS A 48 30.97 -3.47 -21.82
CA LYS A 48 31.99 -2.43 -21.69
C LYS A 48 32.32 -1.77 -23.02
N ASN A 49 32.11 -2.46 -24.13
CA ASN A 49 32.45 -1.93 -25.45
C ASN A 49 31.35 -1.08 -26.08
N THR A 50 30.32 -0.73 -25.32
CA THR A 50 29.23 0.06 -25.88
C THR A 50 29.70 1.46 -26.26
N GLN A 51 29.03 2.03 -27.26
CA GLN A 51 29.27 3.42 -27.65
C GLN A 51 28.28 4.39 -27.02
N ALA A 52 27.25 3.88 -26.34
CA ALA A 52 26.24 4.74 -25.75
C ALA A 52 26.75 5.43 -24.49
N ASP A 53 26.35 6.69 -24.31
CA ASP A 53 26.64 7.49 -23.13
C ASP A 53 25.42 7.78 -22.27
N VAL A 54 24.25 8.01 -22.89
CA VAL A 54 23.00 8.31 -22.19
C VAL A 54 21.91 7.37 -22.67
N LEU A 55 21.11 6.87 -21.74
CA LEU A 55 19.87 6.16 -22.06
C LEU A 55 18.71 7.08 -21.71
N ILE A 56 17.86 7.35 -22.70
CA ILE A 56 16.58 8.03 -22.49
C ILE A 56 15.49 7.01 -22.80
N THR A 57 14.62 6.72 -21.84
CA THR A 57 13.59 5.74 -22.09
C THR A 57 12.30 6.20 -21.41
N VAL A 58 11.25 5.41 -21.59
CA VAL A 58 9.89 5.85 -21.28
C VAL A 58 9.32 4.94 -20.22
N ASP A 59 8.68 5.57 -19.21
CA ASP A 59 7.95 4.92 -18.12
C ASP A 59 8.90 4.44 -17.03
N GLY A 60 8.55 4.76 -15.78
CA GLY A 60 9.32 4.28 -14.64
C GLY A 60 9.45 2.77 -14.60
N GLY A 61 8.51 2.05 -15.21
CA GLY A 61 8.67 0.61 -15.33
C GLY A 61 9.93 0.22 -16.10
N ASN A 62 10.18 0.89 -17.22
CA ASN A 62 11.35 0.57 -18.02
C ASN A 62 12.63 1.09 -17.37
N LEU A 63 12.55 2.28 -16.75
CA LEU A 63 13.72 2.81 -16.05
C LEU A 63 14.13 1.90 -14.91
N TRP A 64 13.16 1.32 -14.21
CA TRP A 64 13.49 0.35 -13.17
C TRP A 64 14.06 -0.94 -13.78
N GLN A 65 13.52 -1.39 -14.91
CA GLN A 65 14.09 -2.57 -15.58
C GLN A 65 15.54 -2.33 -15.97
N ALA A 66 15.85 -1.16 -16.53
CA ALA A 66 17.22 -0.84 -16.92
C ALA A 66 18.14 -0.78 -15.70
N THR A 67 17.65 -0.26 -14.59
CA THR A 67 18.45 -0.24 -13.36
C THR A 67 18.68 -1.65 -12.83
N GLN A 68 17.65 -2.50 -12.86
CA GLN A 68 17.81 -3.87 -12.40
C GLN A 68 18.75 -4.65 -13.31
N ALA A 69 18.74 -4.35 -14.61
CA ALA A 69 19.65 -5.01 -15.52
C ALA A 69 21.09 -4.56 -15.33
N GLY A 70 21.32 -3.50 -14.55
CA GLY A 70 22.67 -3.03 -14.30
C GLY A 70 23.29 -2.26 -15.44
N VAL A 71 22.50 -1.64 -16.31
CA VAL A 71 23.04 -0.92 -17.47
C VAL A 71 23.27 0.57 -17.19
N LEU A 72 22.91 1.07 -16.01
CA LEU A 72 23.05 2.47 -15.65
C LEU A 72 24.02 2.62 -14.48
N ARG A 73 24.66 3.79 -14.39
CA ARG A 73 25.53 4.07 -13.24
C ARG A 73 24.99 5.24 -12.43
N PRO A 74 25.00 5.14 -11.10
CA PRO A 74 24.52 6.25 -10.28
C PRO A 74 25.43 7.47 -10.41
N ILE A 75 24.82 8.64 -10.51
CA ILE A 75 25.53 9.91 -10.58
C ILE A 75 25.05 10.80 -9.46
N ASN A 76 25.96 11.61 -8.92
CA ASN A 76 25.63 12.57 -7.87
C ASN A 76 25.57 13.95 -8.51
N SER A 77 24.35 14.43 -8.74
CA SER A 77 24.14 15.70 -9.42
C SER A 77 23.27 16.59 -8.54
N SER A 78 23.86 17.66 -8.00
CA SER A 78 23.08 18.64 -7.26
C SER A 78 22.10 19.38 -8.17
N VAL A 79 22.47 19.56 -9.43
CA VAL A 79 21.58 20.21 -10.39
C VAL A 79 20.32 19.37 -10.60
N LEU A 80 20.50 18.08 -10.84
CA LEU A 80 19.35 17.23 -11.11
C LEU A 80 18.49 17.05 -9.86
N LYS A 81 19.10 16.88 -8.69
CA LYS A 81 18.31 16.73 -7.48
C LYS A 81 17.50 17.99 -7.18
N SER A 82 17.99 19.16 -7.58
CA SER A 82 17.24 20.39 -7.34
C SER A 82 16.14 20.58 -8.38
N ASN A 83 16.43 20.28 -9.65
CA ASN A 83 15.45 20.57 -10.70
C ASN A 83 14.37 19.50 -10.82
N ILE A 84 14.65 18.28 -10.39
CA ILE A 84 13.74 17.14 -10.55
C ILE A 84 13.22 16.77 -9.17
N PRO A 85 11.90 16.78 -8.94
CA PRO A 85 11.37 16.33 -7.66
C PRO A 85 11.79 14.90 -7.36
N SER A 86 11.95 14.63 -6.06
CA SER A 86 12.47 13.34 -5.61
C SER A 86 11.59 12.16 -6.06
N HIS A 87 10.27 12.34 -6.11
CA HIS A 87 9.42 11.21 -6.50
C HIS A 87 9.50 10.90 -7.99
N LEU A 88 10.18 11.75 -8.77
CA LEU A 88 10.27 11.58 -10.21
C LEU A 88 11.66 11.12 -10.65
N ARG A 89 12.48 10.64 -9.72
CA ARG A 89 13.83 10.17 -10.02
C ARG A 89 14.18 9.01 -9.12
N ASP A 90 15.15 8.22 -9.58
CA ASP A 90 15.52 6.98 -8.92
C ASP A 90 16.06 7.27 -7.53
N PRO A 91 15.57 6.59 -6.49
CA PRO A 91 16.11 6.84 -5.14
C PRO A 91 17.61 6.61 -5.04
N LYS A 92 18.16 5.69 -5.84
CA LYS A 92 19.59 5.39 -5.86
C LYS A 92 20.34 6.11 -6.97
N ASN A 93 19.75 7.16 -7.55
CA ASN A 93 20.42 8.10 -8.45
C ASN A 93 20.83 7.51 -9.79
N HIS A 94 20.18 6.44 -10.26
CA HIS A 94 20.54 5.90 -11.56
C HIS A 94 19.85 6.62 -12.71
N TRP A 95 18.69 7.22 -12.47
CA TRP A 95 17.96 7.88 -13.55
C TRP A 95 17.13 9.02 -13.00
N PHE A 96 16.74 9.91 -13.91
CA PHE A 96 16.07 11.17 -13.56
C PHE A 96 14.93 11.40 -14.53
N GLY A 97 13.72 11.55 -14.00
CA GLY A 97 12.57 11.87 -14.83
C GLY A 97 12.71 13.25 -15.43
N LEU A 98 12.32 13.38 -16.69
CA LEU A 98 12.47 14.66 -17.39
C LEU A 98 11.18 15.17 -18.03
N SER A 99 10.17 14.33 -18.17
CA SER A 99 8.85 14.77 -18.58
C SER A 99 7.85 13.97 -17.77
N VAL A 100 6.67 14.55 -17.53
CA VAL A 100 5.64 13.93 -16.71
C VAL A 100 4.40 13.69 -17.58
N ARG A 101 3.81 12.51 -17.44
CA ARG A 101 2.53 12.23 -18.04
C ARG A 101 1.62 11.74 -16.93
N ALA A 102 0.32 11.94 -17.10
CA ALA A 102 -0.66 11.40 -16.15
C ALA A 102 -1.44 10.32 -16.87
N ARG A 103 -1.69 9.21 -16.19
CA ARG A 103 -2.62 8.20 -16.69
C ARG A 103 -3.89 8.37 -15.87
N THR A 104 -4.96 8.81 -16.52
CA THR A 104 -6.12 9.24 -15.76
C THR A 104 -7.38 8.98 -16.59
N ILE A 105 -8.50 9.44 -16.08
CA ILE A 105 -9.82 9.16 -16.60
C ILE A 105 -10.15 10.15 -17.72
N PHE A 106 -10.82 9.65 -18.75
CA PHE A 106 -11.40 10.46 -19.81
C PHE A 106 -12.86 10.09 -19.93
N TYR A 107 -13.70 11.06 -20.30
CA TYR A 107 -15.13 10.80 -20.36
C TYR A 107 -15.77 11.63 -21.46
N ASN A 108 -16.94 11.16 -21.88
CA ASN A 108 -17.76 11.89 -22.84
C ASN A 108 -18.61 12.88 -22.08
N PRO A 109 -18.33 14.19 -22.17
CA PRO A 109 -19.06 15.15 -21.34
C PRO A 109 -20.53 15.33 -21.73
N ASN A 110 -20.98 14.70 -22.83
CA ASN A 110 -22.39 14.71 -23.18
C ASN A 110 -23.17 13.61 -22.50
N LYS A 111 -22.47 12.62 -21.94
CA LYS A 111 -23.07 11.42 -21.36
C LYS A 111 -22.69 11.20 -19.90
N VAL A 112 -21.66 11.88 -19.42
CA VAL A 112 -21.13 11.69 -18.07
C VAL A 112 -20.89 13.05 -17.44
N ASN A 113 -21.49 13.28 -16.28
CA ASN A 113 -21.21 14.43 -15.45
C ASN A 113 -19.95 14.15 -14.64
N PRO A 114 -19.00 15.09 -14.57
CA PRO A 114 -17.78 14.82 -13.77
C PRO A 114 -18.08 14.54 -12.30
N SER A 115 -19.25 14.93 -11.80
CA SER A 115 -19.66 14.58 -10.43
C SER A 115 -19.83 13.09 -10.24
N GLU A 116 -20.01 12.32 -11.31
CA GLU A 116 -20.08 10.87 -11.23
C GLU A 116 -18.72 10.21 -11.11
N LEU A 117 -17.64 10.96 -11.28
CA LEU A 117 -16.29 10.43 -11.32
C LEU A 117 -15.56 10.75 -10.04
N SER A 118 -14.63 9.89 -9.66
CA SER A 118 -13.80 10.18 -8.49
C SER A 118 -12.46 9.45 -8.61
N THR A 119 -12.48 8.12 -8.53
CA THR A 119 -11.27 7.34 -8.39
C THR A 119 -11.16 6.26 -9.46
N TYR A 120 -9.96 5.73 -9.61
CA TYR A 120 -9.77 4.53 -10.41
C TYR A 120 -10.64 3.38 -9.90
N ALA A 121 -10.68 3.21 -8.57
CA ALA A 121 -11.44 2.08 -8.02
C ALA A 121 -12.92 2.21 -8.31
N ASP A 122 -13.46 3.41 -8.27
N ASP A 122 -13.46 3.43 -8.27
CA ASP A 122 -14.89 3.57 -8.46
CA ASP A 122 -14.89 3.67 -8.51
C ASP A 122 -15.33 3.25 -9.89
C ASP A 122 -15.31 3.17 -9.88
N LEU A 123 -14.39 3.11 -10.82
CA LEU A 123 -14.72 2.64 -12.16
C LEU A 123 -15.13 1.17 -12.18
N ALA A 124 -14.84 0.42 -11.12
CA ALA A 124 -15.34 -0.94 -10.98
C ALA A 124 -16.77 -0.98 -10.44
N ASP A 125 -17.32 0.15 -10.05
CA ASP A 125 -18.69 0.17 -9.54
C ASP A 125 -19.65 -0.32 -10.63
N PRO A 126 -20.65 -1.14 -10.29
CA PRO A 126 -21.55 -1.66 -11.34
C PRO A 126 -22.31 -0.59 -12.09
N LYS A 127 -22.33 0.66 -11.60
CA LYS A 127 -22.98 1.72 -12.37
C LYS A 127 -22.31 1.95 -13.72
N TRP A 128 -21.07 1.49 -13.91
CA TRP A 128 -20.34 1.67 -15.16
C TRP A 128 -20.46 0.50 -16.11
N LYS A 129 -21.34 -0.47 -15.80
CA LYS A 129 -21.43 -1.68 -16.61
C LYS A 129 -21.77 -1.33 -18.04
N GLY A 130 -20.98 -1.86 -18.97
CA GLY A 130 -21.21 -1.57 -20.38
C GLY A 130 -20.82 -0.18 -20.82
N ARG A 131 -20.05 0.57 -20.02
CA ARG A 131 -19.69 1.93 -20.39
C ARG A 131 -18.19 2.20 -20.37
N LEU A 132 -17.39 1.30 -19.84
CA LEU A 132 -15.97 1.53 -19.69
C LEU A 132 -15.19 0.99 -20.86
N CYS A 133 -14.15 1.70 -21.27
CA CYS A 133 -13.19 1.13 -22.19
C CYS A 133 -11.78 1.35 -21.68
N LEU A 134 -10.91 0.40 -21.99
CA LEU A 134 -9.54 0.41 -21.51
C LEU A 134 -8.61 0.06 -22.67
N ARG A 135 -7.36 0.49 -22.55
CA ARG A 135 -6.30 -0.01 -23.41
C ARG A 135 -5.78 -1.33 -22.84
N THR A 136 -5.18 -2.15 -23.71
CA THR A 136 -4.77 -3.49 -23.31
C THR A 136 -3.86 -3.52 -22.09
N SER A 137 -4.03 -4.56 -21.27
CA SER A 137 -3.13 -4.81 -20.15
C SER A 137 -1.70 -5.11 -20.60
N ASN A 138 -1.50 -5.45 -21.87
CA ASN A 138 -0.18 -5.75 -22.40
C ASN A 138 0.51 -4.45 -22.80
N ASN A 139 0.93 -3.71 -21.77
CA ASN A 139 1.41 -2.35 -21.96
C ASN A 139 1.99 -1.84 -20.65
N VAL A 140 3.11 -1.12 -20.72
CA VAL A 140 3.83 -0.71 -19.51
C VAL A 140 3.09 0.39 -18.74
N TYR A 141 2.31 1.24 -19.44
CA TYR A 141 1.53 2.27 -18.74
C TYR A 141 0.53 1.65 -17.80
N ASN A 142 -0.18 0.62 -18.28
CA ASN A 142 -1.17 -0.06 -17.43
C ASN A 142 -0.50 -0.91 -16.36
N GLN A 143 0.61 -1.58 -16.69
CA GLN A 143 1.39 -2.26 -15.66
C GLN A 143 1.80 -1.30 -14.56
N SER A 144 2.29 -0.11 -14.93
CA SER A 144 2.72 0.87 -13.95
C SER A 144 1.57 1.45 -13.14
N LEU A 145 0.42 1.73 -13.78
CA LEU A 145 -0.73 2.22 -13.03
C LEU A 145 -1.16 1.19 -11.97
N VAL A 146 -1.32 -0.06 -12.40
CA VAL A 146 -1.81 -1.08 -11.48
C VAL A 146 -0.75 -1.36 -10.41
N ALA A 147 0.53 -1.18 -10.75
CA ALA A 147 1.58 -1.36 -9.74
C ALA A 147 1.44 -0.34 -8.62
N THR A 148 1.10 0.90 -8.95
CA THR A 148 0.90 1.90 -7.91
C THR A 148 -0.41 1.67 -7.18
N MET A 149 -1.45 1.20 -7.87
CA MET A 149 -2.69 0.85 -7.18
C MET A 149 -2.44 -0.22 -6.11
N ILE A 150 -1.63 -1.22 -6.43
CA ILE A 150 -1.28 -2.26 -5.46
C ILE A 150 -0.57 -1.66 -4.25
N ALA A 151 0.38 -0.75 -4.48
CA ALA A 151 1.08 -0.14 -3.35
C ALA A 151 0.16 0.74 -2.52
N ASN A 152 -0.81 1.42 -3.16
CA ASN A 152 -1.63 2.37 -2.44
C ASN A 152 -2.79 1.74 -1.71
N HIS A 153 -3.35 0.66 -2.24
CA HIS A 153 -4.58 0.09 -1.70
C HIS A 153 -4.50 -1.39 -1.37
N GLY A 154 -3.41 -2.05 -1.71
CA GLY A 154 -3.25 -3.46 -1.40
C GLY A 154 -3.63 -4.37 -2.55
N GLN A 155 -3.14 -5.61 -2.45
CA GLN A 155 -3.31 -6.59 -3.52
C GLN A 155 -4.74 -7.06 -3.63
N ALA A 156 -5.37 -7.39 -2.50
CA ALA A 156 -6.73 -7.92 -2.54
C ALA A 156 -7.71 -6.88 -3.05
N THR A 157 -7.56 -5.62 -2.61
CA THR A 157 -8.44 -4.57 -3.09
C THR A 157 -8.26 -4.36 -4.59
N THR A 158 -7.00 -4.32 -5.04
CA THR A 158 -6.72 -4.09 -6.47
C THR A 158 -7.23 -5.24 -7.34
N ASP A 159 -7.11 -6.48 -6.86
CA ASP A 159 -7.72 -7.61 -7.56
C ASP A 159 -9.19 -7.38 -7.80
N ARG A 160 -9.91 -6.92 -6.78
CA ARG A 160 -11.34 -6.69 -6.91
C ARG A 160 -11.62 -5.57 -7.90
N VAL A 161 -10.82 -4.50 -7.85
CA VAL A 161 -11.04 -3.35 -8.72
C VAL A 161 -10.84 -3.73 -10.19
N VAL A 162 -9.71 -4.37 -10.52
CA VAL A 162 -9.42 -4.69 -11.90
C VAL A 162 -10.41 -5.73 -12.43
N LYS A 163 -10.82 -6.66 -11.57
CA LYS A 163 -11.91 -7.56 -11.96
C LYS A 163 -13.19 -6.78 -12.23
N GLY A 164 -13.47 -5.75 -11.43
CA GLY A 164 -14.64 -4.92 -11.69
C GLY A 164 -14.52 -4.12 -12.97
N TRP A 165 -13.32 -3.61 -13.26
CA TRP A 165 -13.07 -2.97 -14.54
C TRP A 165 -13.50 -3.87 -15.70
N VAL A 166 -13.01 -5.12 -15.71
CA VAL A 166 -13.27 -6.01 -16.84
C VAL A 166 -14.76 -6.28 -16.98
N ALA A 167 -15.45 -6.47 -15.86
CA ALA A 167 -16.89 -6.71 -15.89
C ALA A 167 -17.66 -5.54 -16.47
N ASN A 168 -17.08 -4.33 -16.45
CA ASN A 168 -17.75 -3.13 -16.92
C ASN A 168 -17.42 -2.76 -18.36
N LEU A 169 -16.59 -3.56 -19.06
CA LEU A 169 -16.12 -3.18 -20.38
C LEU A 169 -17.25 -3.08 -21.39
N ALA A 170 -17.28 -1.99 -22.16
CA ALA A 170 -18.19 -1.82 -23.29
C ALA A 170 -17.65 -2.41 -24.58
N ALA A 171 -16.35 -2.65 -24.66
CA ALA A 171 -15.69 -3.18 -25.84
C ALA A 171 -14.42 -3.89 -25.40
N ALA A 172 -13.80 -4.59 -26.34
CA ALA A 172 -12.53 -5.25 -26.05
C ALA A 172 -11.45 -4.20 -25.78
N PRO A 173 -10.47 -4.51 -24.93
CA PRO A 173 -9.39 -3.55 -24.68
C PRO A 173 -8.69 -3.14 -25.97
N PHE A 174 -8.46 -1.84 -26.11
CA PHE A 174 -7.86 -1.31 -27.31
C PHE A 174 -6.34 -1.49 -27.30
N ALA A 175 -5.76 -1.48 -28.51
CA ALA A 175 -4.35 -1.77 -28.69
C ALA A 175 -3.44 -0.58 -28.36
N ASN A 176 -3.99 0.63 -28.34
CA ASN A 176 -3.20 1.80 -27.98
C ASN A 176 -4.15 2.83 -27.39
N ASP A 177 -3.58 3.85 -26.75
CA ASP A 177 -4.40 4.84 -26.05
C ASP A 177 -5.17 5.74 -27.02
N THR A 178 -4.59 6.05 -28.17
CA THR A 178 -5.26 6.93 -29.13
C THR A 178 -6.53 6.27 -29.66
N ALA A 179 -6.47 4.97 -29.96
CA ALA A 179 -7.66 4.25 -30.39
C ALA A 179 -8.74 4.27 -29.32
N LEU A 180 -8.35 4.14 -28.04
CA LEU A 180 -9.34 4.25 -26.97
C LEU A 180 -9.98 5.63 -26.96
N LEU A 181 -9.19 6.69 -27.06
CA LEU A 181 -9.76 8.02 -27.01
C LEU A 181 -10.68 8.28 -28.20
N GLU A 182 -10.33 7.72 -29.35
N GLU A 182 -10.36 7.71 -29.35
CA GLU A 182 -11.15 7.89 -30.55
CA GLU A 182 -11.20 7.94 -30.52
C GLU A 182 -12.48 7.15 -30.42
C GLU A 182 -12.46 7.09 -30.50
N ALA A 183 -12.49 6.01 -29.71
CA ALA A 183 -13.72 5.26 -29.49
C ALA A 183 -14.62 5.95 -28.47
N ILE A 184 -14.07 6.75 -27.56
CA ILE A 184 -14.92 7.65 -26.78
C ILE A 184 -15.53 8.70 -27.70
N ASP A 185 -14.72 9.30 -28.55
CA ASP A 185 -15.21 10.29 -29.51
C ASP A 185 -16.26 9.68 -30.43
N ALA A 186 -16.11 8.40 -30.80
CA ALA A 186 -17.10 7.76 -31.66
C ALA A 186 -18.37 7.40 -30.92
N GLY A 187 -18.39 7.55 -29.59
CA GLY A 187 -19.57 7.26 -28.80
C GLY A 187 -19.68 5.84 -28.34
N ARG A 188 -18.70 4.99 -28.66
CA ARG A 188 -18.73 3.60 -28.24
C ARG A 188 -18.41 3.47 -26.75
N CYS A 189 -17.63 4.39 -26.21
CA CYS A 189 -17.13 4.32 -24.83
C CYS A 189 -17.49 5.58 -24.09
N ASP A 190 -18.01 5.44 -22.87
CA ASP A 190 -18.37 6.62 -22.10
C ASP A 190 -17.26 7.07 -21.17
N VAL A 191 -16.45 6.15 -20.68
CA VAL A 191 -15.33 6.47 -19.80
C VAL A 191 -14.15 5.58 -20.14
N GLY A 192 -12.94 6.09 -19.95
CA GLY A 192 -11.75 5.31 -20.24
C GLY A 192 -10.58 5.79 -19.40
N ILE A 193 -9.44 5.12 -19.58
CA ILE A 193 -8.20 5.48 -18.91
C ILE A 193 -7.08 5.56 -19.94
N ALA A 194 -6.35 6.67 -19.95
CA ALA A 194 -5.30 6.87 -20.95
C ALA A 194 -4.28 7.87 -20.44
N ASN A 195 -3.15 7.99 -21.17
CA ASN A 195 -2.13 9.00 -20.87
C ASN A 195 -2.51 10.35 -21.43
N THR A 196 -2.22 11.42 -20.67
CA THR A 196 -2.70 12.75 -21.07
C THR A 196 -2.09 13.23 -22.39
N TYR A 197 -0.85 12.83 -22.70
CA TYR A 197 -0.21 13.41 -23.87
C TYR A 197 -0.82 12.91 -25.18
N TYR A 198 -1.40 11.70 -25.17
CA TYR A 198 -2.14 11.28 -26.36
C TYR A 198 -3.37 12.14 -26.60
N TYR A 199 -3.99 12.63 -25.52
CA TYR A 199 -5.12 13.52 -25.64
C TYR A 199 -4.69 14.86 -26.20
N GLY A 200 -3.58 15.39 -25.72
CA GLY A 200 -3.07 16.62 -26.31
C GLY A 200 -2.69 16.42 -27.76
N ARG A 201 -2.10 15.27 -28.08
CA ARG A 201 -1.76 14.94 -29.46
C ARG A 201 -3.02 14.81 -30.32
N LEU A 202 -4.06 14.20 -29.77
CA LEU A 202 -5.29 14.00 -30.52
C LEU A 202 -6.01 15.33 -30.73
N LEU A 203 -6.11 16.16 -29.69
CA LEU A 203 -6.75 17.47 -29.88
C LEU A 203 -5.96 18.35 -30.84
N ASN A 204 -4.64 18.14 -30.94
CA ASN A 204 -3.84 18.92 -31.88
C ASN A 204 -4.22 18.57 -33.33
N SER A 205 -4.49 17.29 -33.60
CA SER A 205 -4.81 16.85 -34.96
C SER A 205 -6.29 16.94 -35.28
N LYS A 206 -7.17 16.73 -34.29
CA LYS A 206 -8.62 16.80 -34.47
C LYS A 206 -9.20 17.58 -33.31
N PRO A 207 -9.16 18.91 -33.37
CA PRO A 207 -9.65 19.71 -32.23
C PRO A 207 -11.09 19.46 -31.85
N GLN A 208 -11.93 18.97 -32.77
CA GLN A 208 -13.32 18.68 -32.48
C GLN A 208 -13.50 17.49 -31.54
N VAL A 209 -12.47 16.67 -31.32
CA VAL A 209 -12.57 15.57 -30.38
C VAL A 209 -12.99 16.07 -28.99
N ALA A 210 -12.60 17.31 -28.66
CA ALA A 210 -12.97 17.88 -27.37
C ALA A 210 -14.47 17.91 -27.14
N ASN A 211 -15.28 17.93 -28.21
CA ASN A 211 -16.73 17.89 -28.05
C ASN A 211 -17.17 16.63 -27.34
N ASN A 212 -16.50 15.51 -27.63
CA ASN A 212 -16.91 14.22 -27.10
C ASN A 212 -15.95 13.61 -26.08
N VAL A 213 -14.81 14.24 -25.80
CA VAL A 213 -13.78 13.66 -24.93
C VAL A 213 -13.19 14.74 -24.02
N LYS A 214 -13.31 14.55 -22.70
CA LYS A 214 -12.69 15.45 -21.74
C LYS A 214 -11.87 14.63 -20.74
N VAL A 215 -10.92 15.29 -20.11
CA VAL A 215 -10.02 14.65 -19.15
C VAL A 215 -10.56 14.86 -17.74
N PHE A 216 -10.42 13.84 -16.89
CA PHE A 216 -10.77 13.94 -15.47
C PHE A 216 -9.57 13.49 -14.68
N PHE A 217 -9.12 14.31 -13.75
CA PHE A 217 -7.97 13.96 -12.94
C PHE A 217 -8.43 13.16 -11.73
N ALA A 218 -8.00 11.91 -11.67
CA ALA A 218 -8.55 10.94 -10.73
C ALA A 218 -7.92 11.11 -9.36
N ASN A 219 -8.64 10.60 -8.35
CA ASN A 219 -8.14 10.40 -6.99
C ASN A 219 -7.69 11.70 -6.30
N GLN A 220 -8.45 12.78 -6.49
CA GLN A 220 -8.05 14.05 -5.90
C GLN A 220 -8.22 14.07 -4.38
N ALA A 221 -9.16 13.28 -3.86
CA ALA A 221 -9.39 13.21 -2.41
C ALA A 221 -8.37 12.34 -1.69
N GLY A 222 -7.74 11.40 -2.39
CA GLY A 222 -6.76 10.54 -1.76
C GLY A 222 -5.33 10.94 -2.09
N LYS A 223 -4.56 9.98 -2.60
CA LYS A 223 -3.14 10.21 -2.85
C LYS A 223 -2.88 11.07 -4.08
N GLY A 224 -3.84 11.20 -5.00
CA GLY A 224 -3.67 12.01 -6.20
C GLY A 224 -3.63 11.16 -7.47
N THR A 225 -3.53 11.86 -8.60
CA THR A 225 -3.55 11.19 -9.90
C THR A 225 -2.24 10.50 -10.17
N HIS A 226 -2.31 9.31 -10.75
CA HIS A 226 -1.12 8.58 -11.15
C HIS A 226 -0.34 9.37 -12.18
N VAL A 227 0.95 9.60 -11.91
CA VAL A 227 1.82 10.21 -12.89
C VAL A 227 2.98 9.25 -13.14
N ASN A 228 3.60 9.40 -14.30
CA ASN A 228 4.73 8.60 -14.71
C ASN A 228 5.65 9.53 -15.50
N VAL A 229 6.75 9.00 -16.00
CA VAL A 229 7.77 9.85 -16.61
C VAL A 229 8.41 9.17 -17.80
N SER A 230 9.06 9.97 -18.62
CA SER A 230 10.21 9.53 -19.40
C SER A 230 11.45 10.09 -18.70
N GLY A 231 12.55 9.35 -18.74
CA GLY A 231 13.72 9.78 -18.00
C GLY A 231 15.02 9.37 -18.65
N ALA A 232 16.13 9.80 -18.04
CA ALA A 232 17.46 9.55 -18.56
C ALA A 232 18.42 9.14 -17.45
N GLY A 233 19.45 8.39 -17.84
CA GLY A 233 20.54 8.03 -16.95
C GLY A 233 21.82 7.83 -17.75
N VAL A 234 22.94 7.88 -17.05
CA VAL A 234 24.24 7.66 -17.68
C VAL A 234 24.49 6.16 -17.81
N VAL A 235 24.89 5.73 -19.02
CA VAL A 235 25.23 4.33 -19.24
C VAL A 235 26.45 3.95 -18.40
N LYS A 236 26.38 2.79 -17.75
CA LYS A 236 27.41 2.37 -16.80
C LYS A 236 28.79 2.36 -17.45
N HIS A 237 28.89 1.81 -18.66
CA HIS A 237 30.16 1.67 -19.36
C HIS A 237 30.38 2.79 -20.36
N SER A 238 29.83 3.97 -20.11
CA SER A 238 30.06 5.12 -20.98
C SER A 238 31.52 5.52 -20.93
N ASP A 239 32.06 5.91 -22.08
CA ASP A 239 33.41 6.44 -22.16
C ASP A 239 33.48 7.92 -21.81
N ASN A 240 32.34 8.60 -21.70
CA ASN A 240 32.29 10.04 -21.38
C ASN A 240 31.27 10.30 -20.28
N PRO A 241 31.49 9.75 -19.09
CA PRO A 241 30.47 9.91 -18.04
C PRO A 241 30.26 11.34 -17.58
N ALA A 242 31.27 12.20 -17.71
CA ALA A 242 31.09 13.59 -17.29
C ALA A 242 30.22 14.35 -18.29
N GLU A 243 30.50 14.18 -19.58
CA GLU A 243 29.69 14.86 -20.60
C GLU A 243 28.30 14.26 -20.70
N ALA A 244 28.14 12.97 -20.44
CA ALA A 244 26.81 12.38 -20.39
C ALA A 244 25.98 13.00 -19.29
N GLN A 245 26.59 13.20 -18.12
CA GLN A 245 25.90 13.82 -17.01
C GLN A 245 25.57 15.28 -17.30
N LYS A 246 26.47 15.99 -17.97
CA LYS A 246 26.21 17.40 -18.26
C LYS A 246 25.02 17.55 -19.22
N PHE A 247 24.87 16.60 -20.14
CA PHE A 247 23.74 16.67 -21.06
C PHE A 247 22.42 16.44 -20.33
N ILE A 248 22.38 15.47 -19.42
CA ILE A 248 21.14 15.20 -18.68
C ILE A 248 20.80 16.37 -17.78
N GLU A 249 21.80 16.96 -17.13
CA GLU A 249 21.57 18.16 -16.31
C GLU A 249 21.01 19.30 -17.15
N TRP A 250 21.49 19.45 -18.38
CA TRP A 250 20.94 20.50 -19.23
C TRP A 250 19.49 20.23 -19.57
N LEU A 251 19.15 18.95 -19.83
CA LEU A 251 17.77 18.59 -20.16
C LEU A 251 16.79 18.98 -19.05
N SER A 252 17.26 19.05 -17.80
CA SER A 252 16.36 19.45 -16.73
C SER A 252 16.19 20.97 -16.63
N SER A 253 16.98 21.74 -17.36
CA SER A 253 16.91 23.20 -17.32
C SER A 253 15.67 23.71 -18.05
N ASN A 254 15.33 24.96 -17.76
CA ASN A 254 14.13 25.60 -18.33
C ASN A 254 14.07 25.47 -19.85
N GLU A 255 15.12 25.90 -20.55
CA GLU A 255 15.04 25.94 -22.01
C GLU A 255 14.88 24.55 -22.60
N ALA A 256 15.58 23.55 -22.05
CA ALA A 256 15.48 22.20 -22.59
C ALA A 256 14.17 21.51 -22.21
N GLN A 257 13.64 21.82 -21.02
CA GLN A 257 12.36 21.24 -20.60
C GLN A 257 11.25 21.63 -21.57
N ARG A 258 11.26 22.86 -22.06
CA ARG A 258 10.28 23.27 -23.05
C ARG A 258 10.41 22.45 -24.33
N LEU A 259 11.64 22.28 -24.82
CA LEU A 259 11.85 21.48 -26.01
C LEU A 259 11.49 20.02 -25.77
N TYR A 260 11.76 19.52 -24.57
CA TYR A 260 11.64 18.09 -24.30
C TYR A 260 10.19 17.68 -24.01
N ALA A 261 9.44 18.50 -23.29
CA ALA A 261 8.12 18.12 -22.80
C ALA A 261 6.98 18.76 -23.59
N ASP A 262 7.12 20.04 -23.93
CA ASP A 262 6.02 20.77 -24.55
C ASP A 262 5.64 20.18 -25.90
N ARG A 263 6.63 19.81 -26.71
CA ARG A 263 6.37 19.31 -28.05
C ARG A 263 5.62 17.97 -28.05
N ASN A 264 5.70 17.20 -26.97
CA ASN A 264 4.97 15.94 -26.88
C ASN A 264 3.72 16.05 -26.01
N PHE A 265 3.30 17.25 -25.64
CA PHE A 265 2.11 17.49 -24.84
C PHE A 265 2.20 16.82 -23.48
N GLU A 266 3.42 16.75 -22.94
CA GLU A 266 3.67 16.28 -21.59
C GLU A 266 3.92 17.48 -20.66
N TYR A 267 3.90 17.19 -19.35
CA TYR A 267 4.27 18.20 -18.36
C TYR A 267 5.79 18.24 -18.19
N PRO A 268 6.38 19.42 -17.98
CA PRO A 268 7.79 19.46 -17.61
C PRO A 268 7.95 18.76 -16.27
N ALA A 269 9.09 18.11 -16.08
CA ALA A 269 9.40 17.54 -14.78
C ALA A 269 9.88 18.61 -13.80
N ASN A 270 10.48 19.67 -14.34
CA ASN A 270 10.94 20.84 -13.56
C ASN A 270 9.75 21.72 -13.24
N ILE A 271 9.37 21.78 -11.96
CA ILE A 271 8.16 22.50 -11.57
C ILE A 271 8.27 24.00 -11.72
N GLN A 272 9.47 24.53 -11.94
CA GLN A 272 9.59 25.95 -12.25
C GLN A 272 9.33 26.24 -13.72
N VAL A 273 9.06 25.20 -14.51
CA VAL A 273 8.72 25.36 -15.92
C VAL A 273 7.22 25.15 -16.02
N THR A 274 6.50 26.20 -16.37
CA THR A 274 5.05 26.09 -16.50
C THR A 274 4.69 25.30 -17.75
N PRO A 275 3.67 24.45 -17.69
CA PRO A 275 3.35 23.63 -18.85
C PRO A 275 2.87 24.47 -20.02
N THR A 276 3.05 23.92 -21.22
CA THR A 276 2.58 24.60 -22.42
C THR A 276 1.07 24.84 -22.31
N PRO A 277 0.57 25.94 -22.91
CA PRO A 277 -0.86 26.27 -22.73
C PRO A 277 -1.84 25.16 -23.08
N ALA A 278 -1.58 24.40 -24.15
CA ALA A 278 -2.48 23.33 -24.53
C ALA A 278 -2.64 22.30 -23.42
N VAL A 279 -1.60 22.11 -22.63
CA VAL A 279 -1.62 21.19 -21.49
C VAL A 279 -2.13 21.90 -20.25
N ALA A 280 -1.69 23.14 -20.01
CA ALA A 280 -2.13 23.86 -18.81
C ALA A 280 -3.63 24.08 -18.79
N ARG A 281 -4.25 24.12 -19.98
CA ARG A 281 -5.69 24.34 -20.12
C ARG A 281 -6.53 23.27 -19.43
N TRP A 282 -6.00 22.07 -19.22
CA TRP A 282 -6.80 21.01 -18.61
C TRP A 282 -7.01 21.24 -17.11
N GLY A 283 -6.24 22.12 -16.51
CA GLY A 283 -6.43 22.48 -15.12
C GLY A 283 -5.34 21.90 -14.23
N ARG A 284 -5.27 22.45 -13.02
CA ARG A 284 -4.34 21.95 -12.01
C ARG A 284 -4.93 20.73 -11.33
N PHE A 285 -4.05 19.93 -10.74
CA PHE A 285 -4.52 18.70 -10.10
C PHE A 285 -3.46 18.23 -9.12
N LYS A 286 -3.89 17.48 -8.11
CA LYS A 286 -2.97 16.83 -7.19
C LYS A 286 -2.45 15.54 -7.83
N GLN A 287 -1.14 15.39 -7.89
CA GLN A 287 -0.53 14.16 -8.38
C GLN A 287 -0.03 13.32 -7.22
N ASP A 288 0.02 12.00 -7.44
CA ASP A 288 0.58 11.09 -6.44
C ASP A 288 2.06 11.39 -6.27
N PHE A 289 2.54 11.44 -5.02
CA PHE A 289 3.96 11.66 -4.77
C PHE A 289 4.72 10.37 -4.46
N ILE A 290 4.08 9.21 -4.66
CA ILE A 290 4.79 7.94 -4.63
C ILE A 290 5.97 8.00 -5.59
N ASN A 291 7.11 7.43 -5.18
CA ASN A 291 8.25 7.41 -6.08
C ASN A 291 7.93 6.52 -7.28
N VAL A 292 8.17 7.04 -8.48
CA VAL A 292 7.69 6.34 -9.67
C VAL A 292 8.46 5.05 -9.92
N SER A 293 9.57 4.82 -9.20
CA SER A 293 10.25 3.53 -9.32
C SER A 293 9.39 2.38 -8.82
N VAL A 294 8.36 2.67 -8.01
CA VAL A 294 7.42 1.62 -7.58
C VAL A 294 6.71 1.04 -8.78
N ALA A 295 6.56 1.80 -9.87
CA ALA A 295 5.98 1.24 -11.08
C ALA A 295 6.75 0.01 -11.54
N GLY A 296 8.07 -0.01 -11.35
CA GLY A 296 8.85 -1.18 -11.72
C GLY A 296 8.87 -2.25 -10.66
N GLN A 297 9.04 -1.86 -9.39
CA GLN A 297 9.10 -2.83 -8.31
C GLN A 297 7.87 -3.71 -8.28
N ASN A 298 6.70 -3.13 -8.55
CA ASN A 298 5.44 -3.85 -8.48
C ASN A 298 4.94 -4.28 -9.85
N GLN A 299 5.80 -4.23 -10.87
CA GLN A 299 5.39 -4.57 -12.23
C GLN A 299 4.92 -6.02 -12.34
N GLN A 300 5.64 -6.97 -11.74
CA GLN A 300 5.25 -8.36 -11.85
C GLN A 300 3.94 -8.65 -11.13
N LYS A 301 3.72 -8.01 -9.97
CA LYS A 301 2.44 -8.16 -9.31
C LYS A 301 1.31 -7.63 -10.16
N ALA A 302 1.56 -6.50 -10.83
CA ALA A 302 0.53 -5.91 -11.69
C ALA A 302 0.23 -6.81 -12.86
N ILE A 303 1.27 -7.38 -13.47
CA ILE A 303 1.06 -8.34 -14.56
C ILE A 303 0.21 -9.50 -14.08
N MET A 304 0.58 -10.10 -12.93
CA MET A 304 -0.21 -11.19 -12.38
C MET A 304 -1.63 -10.73 -12.05
N THR A 305 -1.80 -9.48 -11.62
CA THR A 305 -3.13 -9.01 -11.26
C THR A 305 -4.02 -8.92 -12.50
N MET A 306 -3.52 -8.30 -13.56
CA MET A 306 -4.33 -8.15 -14.75
C MET A 306 -4.62 -9.51 -15.39
N LYS A 307 -3.68 -10.45 -15.29
CA LYS A 307 -3.92 -11.79 -15.84
C LYS A 307 -5.01 -12.51 -15.08
N ARG A 308 -4.96 -12.50 -13.74
CA ARG A 308 -6.01 -13.17 -12.97
C ARG A 308 -7.38 -12.53 -13.19
N ALA A 309 -7.41 -11.24 -13.51
CA ALA A 309 -8.68 -10.54 -13.68
C ALA A 309 -9.30 -10.75 -15.06
N GLY A 310 -8.60 -11.43 -15.98
CA GLY A 310 -9.12 -11.55 -17.33
C GLY A 310 -9.03 -10.26 -18.12
N TYR A 311 -8.08 -9.41 -17.78
CA TYR A 311 -7.88 -8.10 -18.41
C TYR A 311 -6.90 -8.32 -19.55
N LYS A 312 -7.43 -8.38 -20.78
CA LYS A 312 -6.64 -8.63 -21.99
C LYS A 312 -6.06 -7.33 -22.55
N ASN B 1 18.63 40.60 -6.08
CA ASN B 1 18.58 39.23 -5.57
C ASN B 1 17.27 38.58 -5.98
N GLU B 2 16.98 37.38 -5.47
CA GLU B 2 15.76 36.68 -5.85
C GLU B 2 15.31 35.77 -4.72
N ILE B 3 13.99 35.65 -4.56
CA ILE B 3 13.37 34.73 -3.62
C ILE B 3 12.37 33.87 -4.37
N VAL B 4 12.14 32.67 -3.85
CA VAL B 4 11.23 31.69 -4.44
C VAL B 4 10.06 31.51 -3.49
N VAL B 5 8.84 31.65 -4.02
CA VAL B 5 7.61 31.54 -3.25
C VAL B 5 6.82 30.33 -3.75
N TYR B 6 6.59 29.38 -2.85
CA TYR B 6 5.66 28.29 -3.10
C TYR B 6 4.26 28.75 -2.70
N SER B 7 3.32 28.80 -3.66
CA SER B 7 2.04 29.44 -3.41
C SER B 7 0.86 28.54 -3.78
N ALA B 8 -0.12 28.46 -2.88
CA ALA B 8 -1.39 27.78 -3.14
C ALA B 8 -2.49 28.73 -3.59
N ARG B 9 -2.18 30.00 -3.81
CA ARG B 9 -3.15 30.94 -4.34
C ARG B 9 -3.24 30.78 -5.86
N ALA B 10 -4.29 31.35 -6.44
CA ALA B 10 -4.39 31.38 -7.90
C ALA B 10 -3.17 32.08 -8.48
N ASP B 11 -2.57 31.47 -9.51
CA ASP B 11 -1.32 32.00 -10.08
C ASP B 11 -1.50 33.46 -10.51
N GLU B 12 -2.67 33.80 -11.05
CA GLU B 12 -2.92 35.17 -11.48
C GLU B 12 -3.03 36.11 -10.30
N LEU B 13 -3.21 35.60 -9.08
CA LEU B 13 -3.39 36.49 -7.95
C LEU B 13 -2.06 36.98 -7.41
N LEU B 14 -1.00 36.16 -7.49
CA LEU B 14 0.33 36.52 -7.02
C LEU B 14 1.13 37.30 -8.06
N LYS B 15 0.69 37.31 -9.33
CA LYS B 15 1.47 38.02 -10.35
C LYS B 15 1.62 39.50 -10.03
N PRO B 16 0.57 40.26 -9.67
CA PRO B 16 0.77 41.67 -9.28
C PRO B 16 1.57 41.85 -8.00
N ILE B 17 1.57 40.86 -7.10
CA ILE B 17 2.34 40.95 -5.86
C ILE B 17 3.82 40.85 -6.16
N ALA B 18 4.20 39.89 -7.00
CA ALA B 18 5.59 39.71 -7.40
C ALA B 18 6.10 40.91 -8.17
N GLU B 19 5.25 41.47 -9.04
CA GLU B 19 5.69 42.61 -9.84
C GLU B 19 5.89 43.84 -8.97
N ALA B 20 4.98 44.08 -8.03
CA ALA B 20 5.09 45.25 -7.16
C ALA B 20 6.27 45.14 -6.21
N TYR B 21 6.61 43.94 -5.76
CA TYR B 21 7.72 43.81 -4.83
C TYR B 21 9.05 43.93 -5.54
N GLN B 22 9.15 43.42 -6.76
CA GLN B 22 10.38 43.58 -7.53
C GLN B 22 10.62 45.04 -7.86
N GLN B 23 9.55 45.79 -8.14
CA GLN B 23 9.70 47.20 -8.43
C GLN B 23 10.10 47.99 -7.19
N LYS B 24 9.57 47.62 -6.03
CA LYS B 24 9.84 48.38 -4.81
C LYS B 24 11.24 48.10 -4.27
N THR B 25 11.72 46.87 -4.37
CA THR B 25 12.94 46.45 -3.68
C THR B 25 14.04 45.93 -4.59
N GLY B 26 13.78 45.72 -5.88
CA GLY B 26 14.72 45.14 -6.82
C GLY B 26 14.85 43.63 -6.75
N THR B 27 14.12 42.97 -5.85
CA THR B 27 14.21 41.52 -5.67
C THR B 27 13.23 40.79 -6.58
N LYS B 28 13.75 39.84 -7.37
CA LYS B 28 12.88 39.01 -8.19
C LYS B 28 12.09 38.05 -7.32
N VAL B 29 10.80 37.91 -7.61
CA VAL B 29 9.89 37.04 -6.85
C VAL B 29 9.43 35.94 -7.81
N THR B 30 10.01 34.75 -7.68
CA THR B 30 9.66 33.59 -8.50
C THR B 30 8.58 32.78 -7.79
N VAL B 31 7.45 32.58 -8.46
CA VAL B 31 6.29 31.92 -7.87
C VAL B 31 6.14 30.53 -8.49
N VAL B 32 6.14 29.52 -7.64
CA VAL B 32 5.82 28.13 -7.99
C VAL B 32 4.46 27.83 -7.39
N SER B 33 3.46 27.58 -8.23
CA SER B 33 2.08 27.38 -7.78
C SER B 33 1.70 25.92 -7.83
N ASP B 34 0.92 25.49 -6.84
CA ASP B 34 0.43 24.13 -6.76
C ASP B 34 -0.66 24.11 -5.69
N LYS B 35 -1.32 22.97 -5.54
CA LYS B 35 -2.30 22.80 -4.48
C LYS B 35 -1.61 22.75 -3.11
N ALA B 36 -2.38 23.06 -2.07
CA ALA B 36 -1.81 23.24 -0.72
C ALA B 36 -1.09 21.98 -0.25
N GLY B 37 -1.76 20.83 -0.31
CA GLY B 37 -1.19 19.58 0.12
C GLY B 37 0.14 19.25 -0.55
N PRO B 38 0.14 19.23 -1.89
CA PRO B 38 1.41 18.93 -2.60
C PRO B 38 2.54 19.89 -2.26
N LEU B 39 2.25 21.17 -2.04
CA LEU B 39 3.30 22.11 -1.68
C LEU B 39 3.99 21.70 -0.40
N MET B 40 3.19 21.33 0.61
CA MET B 40 3.78 20.93 1.88
C MET B 40 4.55 19.62 1.72
N GLU B 41 4.03 18.71 0.90
CA GLU B 41 4.78 17.48 0.64
C GLU B 41 6.05 17.77 -0.16
N ARG B 42 6.03 18.78 -1.03
CA ARG B 42 7.24 19.15 -1.75
C ARG B 42 8.30 19.69 -0.81
N LEU B 43 7.90 20.60 0.09
CA LEU B 43 8.83 21.16 1.07
C LEU B 43 9.42 20.07 1.97
N LYS B 44 8.59 19.14 2.43
CA LYS B 44 9.09 18.04 3.24
C LYS B 44 10.06 17.18 2.44
N ALA B 45 9.78 16.96 1.16
CA ALA B 45 10.61 16.11 0.32
C ALA B 45 11.90 16.81 -0.10
N GLU B 46 11.84 18.12 -0.36
CA GLU B 46 13.02 18.83 -0.84
C GLU B 46 14.07 18.98 0.25
N GLY B 47 13.65 19.03 1.51
CA GLY B 47 14.55 19.03 2.65
C GLY B 47 15.43 20.26 2.71
N LYS B 48 16.67 20.05 3.18
CA LYS B 48 17.57 21.17 3.41
C LYS B 48 17.98 21.85 2.10
N ASN B 49 17.96 21.13 1.00
CA ASN B 49 18.41 21.65 -0.29
C ASN B 49 17.31 22.37 -1.07
N THR B 50 16.17 22.67 -0.44
CA THR B 50 15.07 23.27 -1.18
C THR B 50 15.44 24.67 -1.69
N GLN B 51 14.82 25.06 -2.80
CA GLN B 51 14.98 26.40 -3.30
C GLN B 51 13.88 27.33 -2.82
N ALA B 52 12.88 26.78 -2.12
CA ALA B 52 11.78 27.60 -1.65
C ALA B 52 12.23 28.46 -0.47
N ASP B 53 11.76 29.70 -0.44
CA ASP B 53 12.00 30.61 0.67
C ASP B 53 10.75 30.93 1.45
N VAL B 54 9.61 31.08 0.78
CA VAL B 54 8.34 31.42 1.40
C VAL B 54 7.26 30.44 0.95
N LEU B 55 6.43 30.02 1.90
CA LEU B 55 5.23 29.23 1.63
C LEU B 55 4.03 30.13 1.82
N ILE B 56 3.22 30.31 0.78
CA ILE B 56 1.91 30.95 0.91
C ILE B 56 0.88 29.86 0.65
N THR B 57 -0.01 29.62 1.62
CA THR B 57 -1.01 28.58 1.46
C THR B 57 -2.33 29.09 2.04
N VAL B 58 -3.36 28.24 1.95
CA VAL B 58 -4.74 28.64 2.21
C VAL B 58 -5.30 27.77 3.32
N ASP B 59 -6.00 28.43 4.26
CA ASP B 59 -6.75 27.84 5.36
C ASP B 59 -5.82 27.51 6.53
N GLY B 60 -6.23 27.88 7.74
CA GLY B 60 -5.44 27.54 8.90
C GLY B 60 -5.23 26.05 9.07
N GLY B 61 -6.15 25.25 8.52
CA GLY B 61 -5.92 23.81 8.50
C GLY B 61 -4.65 23.44 7.78
N ASN B 62 -4.43 24.01 6.59
CA ASN B 62 -3.22 23.69 5.84
C ASN B 62 -2.00 24.35 6.46
N LEU B 63 -2.16 25.58 6.98
CA LEU B 63 -1.05 26.22 7.68
C LEU B 63 -0.63 25.41 8.90
N TRP B 64 -1.61 24.86 9.62
CA TRP B 64 -1.28 24.03 10.77
C TRP B 64 -0.62 22.72 10.34
N GLN B 65 -1.11 22.11 9.24
CA GLN B 65 -0.46 20.91 8.73
C GLN B 65 1.02 21.18 8.41
N ALA B 66 1.31 22.33 7.79
CA ALA B 66 2.69 22.65 7.46
C ALA B 66 3.54 22.76 8.71
N THR B 67 2.96 23.35 9.75
CA THR B 67 3.68 23.51 11.02
C THR B 67 3.94 22.16 11.66
N GLN B 68 2.94 21.28 11.62
CA GLN B 68 3.13 19.92 12.14
C GLN B 68 4.18 19.17 11.34
N ALA B 69 4.24 19.42 10.02
CA ALA B 69 5.23 18.78 9.16
C ALA B 69 6.64 19.33 9.34
N GLY B 70 6.80 20.43 10.06
CA GLY B 70 8.12 20.98 10.32
C GLY B 70 8.80 21.67 9.16
N VAL B 71 8.04 22.16 8.17
CA VAL B 71 8.63 22.78 7.00
C VAL B 71 8.78 24.29 7.13
N LEU B 72 8.33 24.88 8.24
CA LEU B 72 8.40 26.30 8.48
C LEU B 72 9.35 26.62 9.64
N ARG B 73 9.95 27.80 9.60
CA ARG B 73 10.79 28.24 10.70
C ARG B 73 10.12 29.40 11.41
N PRO B 74 10.06 29.39 12.74
CA PRO B 74 9.43 30.51 13.45
C PRO B 74 10.28 31.76 13.33
N ILE B 75 9.62 32.89 13.13
CA ILE B 75 10.29 34.18 13.07
C ILE B 75 9.65 35.10 14.08
N ASN B 76 10.46 35.95 14.71
CA ASN B 76 9.98 36.96 15.65
C ASN B 76 10.00 38.31 14.97
N SER B 77 8.83 38.81 14.61
CA SER B 77 8.68 40.05 13.85
C SER B 77 7.77 40.99 14.63
N SER B 78 8.32 42.12 15.09
CA SER B 78 7.45 43.13 15.69
C SER B 78 6.50 43.69 14.65
N VAL B 79 6.93 43.77 13.39
CA VAL B 79 6.05 44.27 12.34
C VAL B 79 4.86 43.33 12.17
N LEU B 80 5.12 42.04 12.00
CA LEU B 80 4.04 41.10 11.75
C LEU B 80 3.12 40.97 12.96
N LYS B 81 3.68 40.95 14.18
CA LYS B 81 2.86 40.88 15.38
C LYS B 81 1.97 42.11 15.54
N SER B 82 2.41 43.25 15.00
CA SER B 82 1.63 44.47 15.10
C SER B 82 0.54 44.53 14.03
N ASN B 83 0.86 44.17 12.79
CA ASN B 83 -0.10 44.34 11.71
C ASN B 83 -1.13 43.24 11.69
N ILE B 84 -0.80 42.06 12.21
CA ILE B 84 -1.67 40.89 12.10
C ILE B 84 -2.22 40.59 13.49
N PRO B 85 -3.53 40.58 13.66
CA PRO B 85 -4.11 40.19 14.94
C PRO B 85 -3.63 38.81 15.36
N SER B 86 -3.52 38.62 16.67
CA SER B 86 -2.96 37.38 17.20
C SER B 86 -3.81 36.16 16.84
N HIS B 87 -5.13 36.32 16.74
CA HIS B 87 -5.96 35.18 16.43
C HIS B 87 -5.83 34.74 14.96
N LEU B 88 -5.14 35.53 14.15
CA LEU B 88 -4.93 35.26 12.73
C LEU B 88 -3.51 34.83 12.41
N ARG B 89 -2.73 34.46 13.42
CA ARG B 89 -1.35 34.06 13.18
C ARG B 89 -0.99 32.95 14.16
N ASP B 90 0.02 32.19 13.79
CA ASP B 90 0.38 31.03 14.58
C ASP B 90 0.87 31.47 15.95
N PRO B 91 0.39 30.87 17.04
CA PRO B 91 0.90 31.22 18.37
C PRO B 91 2.41 31.04 18.52
N LYS B 92 3.02 30.10 17.80
CA LYS B 92 4.46 29.88 17.86
C LYS B 92 5.21 30.59 16.73
N ASN B 93 4.57 31.54 16.04
CA ASN B 93 5.23 32.43 15.08
C ASN B 93 5.71 31.71 13.80
N HIS B 94 5.13 30.57 13.43
CA HIS B 94 5.57 29.89 12.20
C HIS B 94 4.90 30.44 10.95
N TRP B 95 3.69 31.00 11.08
CA TRP B 95 3.02 31.53 9.90
C TRP B 95 2.11 32.66 10.32
N PHE B 96 1.70 33.46 9.33
CA PHE B 96 0.96 34.69 9.56
C PHE B 96 -0.13 34.83 8.51
N GLY B 97 -1.38 34.93 8.96
CA GLY B 97 -2.47 35.17 8.02
C GLY B 97 -2.32 36.52 7.37
N LEU B 98 -2.64 36.57 6.07
CA LEU B 98 -2.52 37.80 5.31
C LEU B 98 -3.81 38.22 4.61
N SER B 99 -4.79 37.33 4.51
CA SER B 99 -6.14 37.67 4.08
C SER B 99 -7.11 36.87 4.92
N VAL B 100 -8.30 37.45 5.11
CA VAL B 100 -9.34 36.86 5.94
C VAL B 100 -10.55 36.56 5.06
N ARG B 101 -11.11 35.38 5.25
CA ARG B 101 -12.38 35.03 4.67
C ARG B 101 -13.29 34.60 5.81
N ALA B 102 -14.59 34.79 5.61
CA ALA B 102 -15.60 34.31 6.54
C ALA B 102 -16.36 33.16 5.91
N ARG B 103 -16.58 32.10 6.67
CA ARG B 103 -17.48 31.05 6.25
C ARG B 103 -18.75 31.23 7.04
N THR B 104 -19.81 31.65 6.37
CA THR B 104 -20.99 32.15 7.04
C THR B 104 -22.22 31.84 6.18
N ILE B 105 -23.35 32.27 6.64
CA ILE B 105 -24.63 31.85 6.07
C ILE B 105 -24.99 32.73 4.89
N PHE B 106 -25.57 32.10 3.85
CA PHE B 106 -26.17 32.79 2.71
C PHE B 106 -27.61 32.35 2.55
N TYR B 107 -28.47 33.25 2.06
CA TYR B 107 -29.89 32.95 1.99
C TYR B 107 -30.54 33.68 0.83
N ASN B 108 -31.74 33.21 0.46
CA ASN B 108 -32.59 33.88 -0.53
C ASN B 108 -33.44 34.90 0.19
N PRO B 109 -33.19 36.21 0.02
CA PRO B 109 -33.89 37.21 0.84
C PRO B 109 -35.36 37.32 0.52
N ASN B 110 -35.82 36.68 -0.56
CA ASN B 110 -37.23 36.63 -0.89
C ASN B 110 -37.98 35.50 -0.19
N LYS B 111 -37.24 34.52 0.36
CA LYS B 111 -37.84 33.36 1.00
C LYS B 111 -37.44 33.23 2.46
N VAL B 112 -36.43 33.96 2.91
CA VAL B 112 -35.91 33.89 4.26
C VAL B 112 -35.69 35.30 4.75
N ASN B 113 -36.28 35.65 5.88
CA ASN B 113 -35.95 36.90 6.55
C ASN B 113 -34.70 36.71 7.41
N PRO B 114 -33.78 37.68 7.42
CA PRO B 114 -32.61 37.56 8.30
C PRO B 114 -32.97 37.41 9.77
N SER B 115 -34.17 37.82 10.17
CA SER B 115 -34.63 37.58 11.53
C SER B 115 -34.80 36.10 11.83
N GLU B 116 -34.95 35.27 10.80
CA GLU B 116 -35.05 33.83 10.99
C GLU B 116 -33.69 33.16 11.16
N LEU B 117 -32.61 33.89 10.94
CA LEU B 117 -31.26 33.34 10.95
C LEU B 117 -30.54 33.79 12.22
N SER B 118 -29.61 32.97 12.69
CA SER B 118 -28.83 33.38 13.85
C SER B 118 -27.47 32.68 13.87
N THR B 119 -27.47 31.37 14.08
CA THR B 119 -26.25 30.63 14.32
C THR B 119 -26.11 29.48 13.35
N TYR B 120 -24.89 28.97 13.23
CA TYR B 120 -24.67 27.71 12.53
C TYR B 120 -25.51 26.60 13.15
N ALA B 121 -25.58 26.56 14.49
CA ALA B 121 -26.31 25.46 15.14
C ALA B 121 -27.79 25.49 14.84
N ASP B 122 -28.37 26.70 14.67
CA ASP B 122 -29.79 26.84 14.38
C ASP B 122 -30.17 26.27 13.01
N LEU B 123 -29.23 26.21 12.07
CA LEU B 123 -29.53 25.59 10.77
C LEU B 123 -29.91 24.13 10.91
N ALA B 124 -29.60 23.49 12.03
CA ALA B 124 -30.05 22.15 12.29
C ALA B 124 -31.49 22.09 12.78
N ASP B 125 -32.12 23.24 13.01
CA ASP B 125 -33.51 23.28 13.47
C ASP B 125 -34.42 22.64 12.43
N PRO B 126 -35.42 21.85 12.85
CA PRO B 126 -36.29 21.17 11.88
C PRO B 126 -37.10 22.11 10.99
N LYS B 127 -37.18 23.40 11.30
CA LYS B 127 -37.86 24.34 10.39
C LYS B 127 -37.12 24.49 9.07
N TRP B 128 -35.84 24.10 9.01
CA TRP B 128 -35.05 24.21 7.80
C TRP B 128 -35.11 22.94 6.95
N LYS B 129 -36.01 22.02 7.26
CA LYS B 129 -36.08 20.75 6.55
C LYS B 129 -36.37 20.98 5.07
N GLY B 130 -35.53 20.40 4.21
CA GLY B 130 -35.70 20.56 2.78
C GLY B 130 -35.34 21.93 2.24
N ARG B 131 -34.64 22.75 3.03
CA ARG B 131 -34.27 24.10 2.64
C ARG B 131 -32.78 24.40 2.70
N LEU B 132 -31.98 23.53 3.33
CA LEU B 132 -30.56 23.79 3.50
C LEU B 132 -29.77 23.15 2.38
N CYS B 133 -28.72 23.82 1.94
CA CYS B 133 -27.72 23.22 1.06
C CYS B 133 -26.33 23.54 1.58
N LEU B 134 -25.41 22.61 1.34
CA LEU B 134 -24.06 22.73 1.86
C LEU B 134 -23.09 22.34 0.76
N ARG B 135 -21.88 22.81 0.88
CA ARG B 135 -20.78 22.26 0.11
C ARG B 135 -20.26 21.01 0.81
N THR B 136 -19.59 20.15 0.04
CA THR B 136 -19.16 18.84 0.54
C THR B 136 -18.27 18.94 1.78
N SER B 137 -18.45 17.97 2.68
CA SER B 137 -17.61 17.84 3.86
C SER B 137 -16.16 17.52 3.50
N ASN B 138 -15.91 17.05 2.28
CA ASN B 138 -14.55 16.71 1.85
C ASN B 138 -13.87 17.97 1.29
N ASN B 139 -13.52 18.86 2.22
CA ASN B 139 -13.04 20.19 1.90
C ASN B 139 -12.54 20.85 3.17
N VAL B 140 -11.42 21.56 3.07
CA VAL B 140 -10.76 22.06 4.27
C VAL B 140 -11.58 23.19 4.90
N TYR B 141 -12.32 23.97 4.10
CA TYR B 141 -13.12 25.05 4.68
C TYR B 141 -14.15 24.51 5.65
N ASN B 142 -14.82 23.42 5.29
CA ASN B 142 -15.82 22.84 6.18
C ASN B 142 -15.15 22.10 7.32
N GLN B 143 -14.04 21.42 7.06
CA GLN B 143 -13.28 20.79 8.14
C GLN B 143 -12.87 21.81 9.19
N SER B 144 -12.36 22.95 8.75
CA SER B 144 -11.95 24.01 9.66
C SER B 144 -13.14 24.61 10.39
N LEU B 145 -14.26 24.82 9.68
CA LEU B 145 -15.45 25.33 10.35
C LEU B 145 -15.93 24.36 11.43
N VAL B 146 -16.08 23.08 11.08
CA VAL B 146 -16.58 22.14 12.07
C VAL B 146 -15.58 21.97 13.19
N ALA B 147 -14.29 22.16 12.90
CA ALA B 147 -13.27 22.08 13.95
C ALA B 147 -13.45 23.16 15.00
N THR B 148 -13.80 24.38 14.56
CA THR B 148 -14.03 25.46 15.51
C THR B 148 -15.36 25.26 16.26
N MET B 149 -16.36 24.68 15.60
CA MET B 149 -17.61 24.39 16.30
C MET B 149 -17.35 23.43 17.47
N ILE B 150 -16.51 22.42 17.25
CA ILE B 150 -16.16 21.51 18.34
C ILE B 150 -15.48 22.25 19.48
N ALA B 151 -14.56 23.17 19.15
CA ALA B 151 -13.84 23.89 20.19
C ALA B 151 -14.77 24.80 20.98
N ASN B 152 -15.74 25.42 20.31
CA ASN B 152 -16.60 26.41 20.94
C ASN B 152 -17.76 25.77 21.68
N HIS B 153 -18.24 24.62 21.22
CA HIS B 153 -19.44 24.04 21.76
C HIS B 153 -19.31 22.60 22.22
N GLY B 154 -18.17 21.95 22.00
CA GLY B 154 -18.02 20.58 22.43
C GLY B 154 -18.35 19.58 21.34
N GLN B 155 -17.91 18.34 21.56
CA GLN B 155 -18.04 17.29 20.56
C GLN B 155 -19.48 16.82 20.39
N ALA B 156 -20.15 16.50 21.51
CA ALA B 156 -21.48 15.92 21.42
C ALA B 156 -22.46 16.90 20.81
N THR B 157 -22.37 18.17 21.20
CA THR B 157 -23.29 19.16 20.64
C THR B 157 -23.09 19.28 19.13
N THR B 158 -21.84 19.34 18.68
CA THR B 158 -21.55 19.48 17.26
C THR B 158 -22.03 18.26 16.45
N ASP B 159 -21.88 17.05 17.03
CA ASP B 159 -22.43 15.86 16.38
C ASP B 159 -23.91 16.05 16.10
N ARG B 160 -24.65 16.58 17.08
CA ARG B 160 -26.08 16.79 16.89
C ARG B 160 -26.34 17.83 15.82
N VAL B 161 -25.54 18.90 15.79
CA VAL B 161 -25.76 19.97 14.82
C VAL B 161 -25.54 19.45 13.39
N VAL B 162 -24.41 18.79 13.16
CA VAL B 162 -24.09 18.35 11.81
C VAL B 162 -25.06 17.25 11.36
N LYS B 163 -25.47 16.37 12.27
CA LYS B 163 -26.53 15.42 11.94
C LYS B 163 -27.82 16.14 11.60
N GLY B 164 -28.12 17.23 12.31
CA GLY B 164 -29.30 18.02 11.96
C GLY B 164 -29.17 18.71 10.61
N TRP B 165 -27.97 19.21 10.29
CA TRP B 165 -27.72 19.73 8.94
C TRP B 165 -28.07 18.72 7.87
N VAL B 166 -27.52 17.50 7.97
CA VAL B 166 -27.71 16.49 6.94
C VAL B 166 -29.19 16.15 6.80
N ALA B 167 -29.90 16.08 7.93
CA ALA B 167 -31.33 15.83 7.89
C ALA B 167 -32.10 16.93 7.17
N ASN B 168 -31.56 18.15 7.10
CA ASN B 168 -32.25 19.28 6.52
C ASN B 168 -31.90 19.55 5.06
N LEU B 169 -31.03 18.74 4.46
CA LEU B 169 -30.50 19.04 3.15
C LEU B 169 -31.60 18.99 2.09
N ALA B 170 -31.65 20.01 1.22
CA ALA B 170 -32.54 19.98 0.06
C ALA B 170 -31.96 19.21 -1.11
N ALA B 171 -30.65 19.03 -1.14
CA ALA B 171 -29.94 18.31 -2.17
C ALA B 171 -28.66 17.78 -1.56
N ALA B 172 -27.97 16.90 -2.29
CA ALA B 172 -26.68 16.41 -1.84
C ALA B 172 -25.69 17.56 -1.79
N PRO B 173 -24.67 17.48 -0.92
CA PRO B 173 -23.67 18.55 -0.87
C PRO B 173 -23.01 18.78 -2.22
N PHE B 174 -22.83 20.06 -2.56
CA PHE B 174 -22.25 20.51 -3.82
C PHE B 174 -20.73 20.43 -3.76
N ALA B 175 -20.11 20.40 -4.95
CA ALA B 175 -18.68 20.18 -5.05
C ALA B 175 -17.83 21.42 -4.78
N ASN B 176 -18.41 22.62 -4.87
CA ASN B 176 -17.66 23.84 -4.59
C ASN B 176 -18.65 24.89 -4.09
N ASP B 177 -18.10 25.97 -3.52
CA ASP B 177 -18.92 27.00 -2.89
C ASP B 177 -19.73 27.78 -3.94
N THR B 178 -19.13 27.99 -5.10
CA THR B 178 -19.80 28.76 -6.15
C THR B 178 -21.04 28.03 -6.66
N ALA B 179 -20.93 26.71 -6.86
CA ALA B 179 -22.07 25.91 -7.28
C ALA B 179 -23.18 25.95 -6.24
N LEU B 180 -22.82 25.97 -4.95
CA LEU B 180 -23.82 26.15 -3.92
C LEU B 180 -24.49 27.52 -4.04
N LEU B 181 -23.68 28.58 -4.17
CA LEU B 181 -24.26 29.92 -4.27
C LEU B 181 -25.14 30.03 -5.50
N GLU B 182 -24.77 29.35 -6.57
CA GLU B 182 -25.60 29.38 -7.77
C GLU B 182 -26.90 28.63 -7.55
N ALA B 183 -26.90 27.62 -6.68
CA ALA B 183 -28.14 26.88 -6.44
C ALA B 183 -29.10 27.65 -5.55
N ILE B 184 -28.58 28.52 -4.68
CA ILE B 184 -29.47 29.44 -3.97
C ILE B 184 -30.09 30.43 -4.96
N ASP B 185 -29.26 30.97 -5.85
CA ASP B 185 -29.74 31.93 -6.87
C ASP B 185 -30.79 31.29 -7.77
N ALA B 186 -30.60 30.00 -8.09
CA ALA B 186 -31.53 29.27 -8.94
C ALA B 186 -32.80 28.86 -8.21
N GLY B 187 -32.85 29.01 -6.88
CA GLY B 187 -34.04 28.69 -6.12
C GLY B 187 -34.13 27.27 -5.59
N ARG B 188 -33.13 26.44 -5.84
CA ARG B 188 -33.13 25.07 -5.33
C ARG B 188 -32.85 25.05 -3.83
N CYS B 189 -32.10 26.02 -3.33
CA CYS B 189 -31.64 26.10 -1.95
C CYS B 189 -32.03 27.43 -1.36
N ASP B 190 -32.58 27.41 -0.13
CA ASP B 190 -32.99 28.63 0.57
C ASP B 190 -31.90 29.19 1.47
N VAL B 191 -31.15 28.31 2.14
CA VAL B 191 -30.03 28.70 2.99
C VAL B 191 -28.83 27.84 2.62
N GLY B 192 -27.64 28.39 2.83
CA GLY B 192 -26.41 27.63 2.64
C GLY B 192 -25.28 28.20 3.48
N ILE B 193 -24.14 27.53 3.40
CA ILE B 193 -22.92 27.99 4.07
C ILE B 193 -21.78 28.01 3.06
N ALA B 194 -21.07 29.12 2.99
CA ALA B 194 -20.00 29.26 2.01
C ALA B 194 -19.02 30.34 2.45
N ASN B 195 -17.90 30.44 1.74
CA ASN B 195 -16.92 31.49 1.97
C ASN B 195 -17.34 32.79 1.29
N THR B 196 -17.09 33.91 1.95
CA THR B 196 -17.59 35.20 1.44
C THR B 196 -16.94 35.60 0.12
N TYR B 197 -15.66 35.26 -0.11
CA TYR B 197 -15.01 35.76 -1.31
C TYR B 197 -15.58 35.13 -2.58
N TYR B 198 -16.12 33.91 -2.48
CA TYR B 198 -16.84 33.39 -3.65
C TYR B 198 -18.08 34.21 -3.94
N TYR B 199 -18.71 34.75 -2.91
CA TYR B 199 -19.89 35.59 -3.12
C TYR B 199 -19.51 36.91 -3.78
N GLY B 200 -18.42 37.53 -3.36
CA GLY B 200 -17.97 38.73 -4.04
C GLY B 200 -17.61 38.47 -5.48
N ARG B 201 -16.97 37.34 -5.75
CA ARG B 201 -16.62 36.95 -7.11
C ARG B 201 -17.86 36.75 -7.96
N LEU B 202 -18.91 36.16 -7.38
CA LEU B 202 -20.13 35.90 -8.14
C LEU B 202 -20.87 37.20 -8.46
N LEU B 203 -21.00 38.10 -7.48
CA LEU B 203 -21.65 39.39 -7.75
C LEU B 203 -20.85 40.21 -8.75
N ASN B 204 -19.53 40.03 -8.77
CA ASN B 204 -18.69 40.72 -9.75
C ASN B 204 -19.00 40.27 -11.18
N SER B 205 -19.28 38.97 -11.36
CA SER B 205 -19.57 38.44 -12.68
C SER B 205 -21.05 38.54 -13.04
N LYS B 206 -21.95 38.40 -12.06
CA LYS B 206 -23.39 38.49 -12.29
C LYS B 206 -24.00 39.31 -11.15
N PRO B 207 -23.96 40.64 -11.24
CA PRO B 207 -24.46 41.47 -10.13
C PRO B 207 -25.91 41.21 -9.77
N GLN B 208 -26.71 40.66 -10.69
CA GLN B 208 -28.11 40.34 -10.42
C GLN B 208 -28.29 39.21 -9.41
N VAL B 209 -27.21 38.47 -9.09
CA VAL B 209 -27.30 37.43 -8.07
C VAL B 209 -27.72 38.01 -6.73
N ALA B 210 -27.36 39.27 -6.46
CA ALA B 210 -27.72 39.90 -5.19
C ALA B 210 -29.22 39.89 -4.95
N ASN B 211 -30.03 39.80 -6.01
CA ASN B 211 -31.47 39.76 -5.81
C ASN B 211 -31.90 38.51 -5.06
N ASN B 212 -31.25 37.37 -5.33
CA ASN B 212 -31.68 36.11 -4.75
C ASN B 212 -30.71 35.54 -3.74
N VAL B 213 -29.54 36.16 -3.54
CA VAL B 213 -28.52 35.64 -2.63
C VAL B 213 -27.91 36.79 -1.85
N LYS B 214 -28.04 36.76 -0.54
CA LYS B 214 -27.42 37.74 0.35
C LYS B 214 -26.65 37.02 1.44
N VAL B 215 -25.70 37.72 2.04
CA VAL B 215 -24.84 37.16 3.07
C VAL B 215 -25.43 37.49 4.44
N PHE B 216 -25.32 36.55 5.38
CA PHE B 216 -25.69 36.75 6.76
C PHE B 216 -24.52 36.36 7.64
N PHE B 217 -24.11 37.26 8.53
CA PHE B 217 -22.96 37.00 9.38
C PHE B 217 -23.43 36.29 10.66
N ALA B 218 -22.98 35.06 10.83
CA ALA B 218 -23.54 34.16 11.81
C ALA B 218 -22.97 34.41 13.20
N ASN B 219 -23.72 33.95 14.21
CA ASN B 219 -23.24 33.85 15.59
C ASN B 219 -22.84 35.21 16.16
N GLN B 220 -23.57 36.26 15.80
CA GLN B 220 -23.21 37.60 16.25
C GLN B 220 -23.47 37.80 17.74
N ALA B 221 -24.44 37.07 18.30
CA ALA B 221 -24.73 37.16 19.72
C ALA B 221 -23.71 36.44 20.58
N GLY B 222 -23.00 35.47 20.01
CA GLY B 222 -22.02 34.70 20.75
C GLY B 222 -20.59 35.09 20.43
N LYS B 223 -19.80 34.11 20.02
CA LYS B 223 -18.38 34.30 19.79
C LYS B 223 -18.08 35.05 18.50
N GLY B 224 -19.01 35.09 17.55
CA GLY B 224 -18.79 35.77 16.30
C GLY B 224 -18.75 34.80 15.12
N THR B 225 -18.62 35.37 13.94
CA THR B 225 -18.61 34.56 12.73
C THR B 225 -17.27 33.83 12.58
N HIS B 226 -17.36 32.58 12.14
CA HIS B 226 -16.15 31.83 11.83
C HIS B 226 -15.35 32.52 10.73
N VAL B 227 -14.08 32.78 10.99
CA VAL B 227 -13.18 33.34 9.99
C VAL B 227 -12.00 32.40 9.81
N ASN B 228 -11.37 32.49 8.64
CA ASN B 228 -10.20 31.71 8.32
C ASN B 228 -9.29 32.59 7.49
N VAL B 229 -8.13 32.06 7.08
CA VAL B 229 -7.12 32.89 6.43
C VAL B 229 -6.41 32.15 5.32
N SER B 230 -5.77 32.93 4.46
CA SER B 230 -4.58 32.51 3.74
C SER B 230 -3.39 33.14 4.43
N GLY B 231 -2.25 32.45 4.40
CA GLY B 231 -1.12 32.95 5.16
C GLY B 231 0.20 32.57 4.53
N ALA B 232 1.28 33.07 5.15
CA ALA B 232 2.62 32.86 4.66
C ALA B 232 3.53 32.49 5.84
N GLY B 233 4.60 31.77 5.53
CA GLY B 233 5.63 31.45 6.51
C GLY B 233 6.96 31.28 5.82
N VAL B 234 8.02 31.37 6.62
CA VAL B 234 9.38 31.19 6.11
C VAL B 234 9.66 29.70 6.01
N VAL B 235 10.15 29.25 4.86
CA VAL B 235 10.54 27.86 4.73
C VAL B 235 11.71 27.58 5.68
N LYS B 236 11.61 26.49 6.43
CA LYS B 236 12.59 26.20 7.47
C LYS B 236 14.00 26.13 6.91
N HIS B 237 14.18 25.42 5.80
CA HIS B 237 15.47 25.23 5.17
C HIS B 237 15.73 26.23 4.04
N SER B 238 15.12 27.39 4.10
CA SER B 238 15.37 28.42 3.10
C SER B 238 16.82 28.89 3.17
N ASP B 239 17.41 29.12 2.01
CA ASP B 239 18.75 29.70 1.95
C ASP B 239 18.76 31.21 2.14
N ASN B 240 17.59 31.86 2.13
N ASN B 240 17.60 31.87 2.10
CA ASN B 240 17.48 33.31 2.29
CA ASN B 240 17.52 33.32 2.32
C ASN B 240 16.41 33.64 3.33
C ASN B 240 16.42 33.62 3.33
N PRO B 241 16.64 33.28 4.60
CA PRO B 241 15.58 33.49 5.60
C PRO B 241 15.30 34.94 5.91
N ALA B 242 16.28 35.83 5.76
CA ALA B 242 16.07 37.24 6.07
C ALA B 242 15.23 37.91 4.98
N GLU B 243 15.54 37.63 3.71
CA GLU B 243 14.75 38.19 2.61
C GLU B 243 13.37 37.58 2.55
N ALA B 244 13.23 36.32 2.98
CA ALA B 244 11.92 35.70 3.07
C ALA B 244 11.06 36.39 4.13
N GLN B 245 11.65 36.71 5.28
CA GLN B 245 10.91 37.38 6.34
C GLN B 245 10.53 38.80 5.93
N LYS B 246 11.41 39.49 5.21
CA LYS B 246 11.10 40.85 4.79
C LYS B 246 9.93 40.90 3.81
N PHE B 247 9.83 39.89 2.94
CA PHE B 247 8.72 39.87 1.99
C PHE B 247 7.39 39.68 2.70
N ILE B 248 7.33 38.78 3.68
CA ILE B 248 6.10 38.53 4.41
C ILE B 248 5.71 39.76 5.22
N GLU B 249 6.70 40.45 5.80
CA GLU B 249 6.41 41.70 6.49
C GLU B 249 5.84 42.74 5.53
N TRP B 250 6.38 42.82 4.32
CA TRP B 250 5.81 43.76 3.34
C TRP B 250 4.38 43.36 2.96
N LEU B 251 4.11 42.06 2.85
CA LEU B 251 2.76 41.60 2.54
C LEU B 251 1.74 42.02 3.58
N SER B 252 2.16 42.20 4.83
CA SER B 252 1.24 42.63 5.88
C SER B 252 1.01 44.14 5.89
N SER B 253 1.79 44.89 5.12
CA SER B 253 1.70 46.35 5.12
C SER B 253 0.46 46.80 4.35
N ASN B 254 0.17 48.11 4.46
CA ASN B 254 -1.07 48.64 3.92
C ASN B 254 -1.20 48.41 2.42
N GLU B 255 -0.21 48.85 1.64
CA GLU B 255 -0.32 48.81 0.19
C GLU B 255 -0.41 47.37 -0.33
N ALA B 256 0.35 46.47 0.28
CA ALA B 256 0.35 45.08 -0.18
C ALA B 256 -0.94 44.37 0.22
N GLN B 257 -1.51 44.70 1.38
CA GLN B 257 -2.77 44.10 1.78
C GLN B 257 -3.84 44.38 0.75
N ARG B 258 -3.85 45.59 0.19
CA ARG B 258 -4.81 45.91 -0.85
C ARG B 258 -4.59 45.03 -2.08
N LEU B 259 -3.34 44.93 -2.53
CA LEU B 259 -3.05 44.10 -3.70
C LEU B 259 -3.33 42.63 -3.42
N TYR B 260 -3.13 42.19 -2.18
CA TYR B 260 -3.24 40.78 -1.86
C TYR B 260 -4.69 40.36 -1.69
N ALA B 261 -5.51 41.23 -1.11
CA ALA B 261 -6.86 40.87 -0.69
C ALA B 261 -7.96 41.39 -1.60
N ASP B 262 -7.83 42.61 -2.13
CA ASP B 262 -8.94 43.23 -2.83
C ASP B 262 -9.37 42.42 -4.05
N ARG B 263 -8.40 42.00 -4.86
CA ARG B 263 -8.74 41.33 -6.12
C ARG B 263 -9.42 39.99 -5.90
N ASN B 264 -9.25 39.36 -4.74
CA ASN B 264 -9.93 38.10 -4.47
C ASN B 264 -11.17 38.30 -3.60
N PHE B 265 -11.58 39.54 -3.35
CA PHE B 265 -12.78 39.85 -2.57
C PHE B 265 -12.69 39.28 -1.15
N GLU B 266 -11.48 39.26 -0.60
CA GLU B 266 -11.26 38.86 0.79
C GLU B 266 -11.05 40.10 1.66
N TYR B 267 -11.13 39.89 2.97
CA TYR B 267 -10.80 40.96 3.91
C TYR B 267 -9.29 41.01 4.13
N PRO B 268 -8.71 42.20 4.29
CA PRO B 268 -7.32 42.26 4.73
C PRO B 268 -7.21 41.67 6.12
N ALA B 269 -6.07 41.02 6.40
CA ALA B 269 -5.84 40.55 7.76
C ALA B 269 -5.42 41.68 8.67
N ASN B 270 -4.78 42.71 8.11
CA ASN B 270 -4.39 43.90 8.84
C ASN B 270 -5.63 44.74 9.10
N ILE B 271 -6.04 44.83 10.37
CA ILE B 271 -7.30 45.50 10.70
C ILE B 271 -7.26 47.00 10.46
N GLN B 272 -6.08 47.57 10.25
CA GLN B 272 -5.99 48.99 9.91
C GLN B 272 -6.23 49.27 8.43
N VAL B 273 -6.44 48.24 7.60
CA VAL B 273 -6.71 48.41 6.17
C VAL B 273 -8.19 48.19 5.94
N THR B 274 -8.89 49.22 5.51
CA THR B 274 -10.33 49.11 5.30
C THR B 274 -10.61 48.19 4.12
N PRO B 275 -11.64 47.35 4.20
CA PRO B 275 -11.90 46.40 3.12
C PRO B 275 -12.31 47.10 1.85
N THR B 276 -12.10 46.43 0.72
CA THR B 276 -12.51 46.98 -0.56
C THR B 276 -14.02 47.21 -0.56
N PRO B 277 -14.50 48.23 -1.26
CA PRO B 277 -15.93 48.58 -1.17
C PRO B 277 -16.90 47.45 -1.48
N ALA B 278 -16.62 46.61 -2.49
CA ALA B 278 -17.53 45.52 -2.83
C ALA B 278 -17.72 44.55 -1.66
N VAL B 279 -16.70 44.39 -0.83
CA VAL B 279 -16.78 43.57 0.37
C VAL B 279 -17.37 44.36 1.53
N ALA B 280 -16.94 45.62 1.68
CA ALA B 280 -17.46 46.46 2.76
C ALA B 280 -18.96 46.69 2.63
N ARG B 281 -19.51 46.59 1.41
CA ARG B 281 -20.94 46.78 1.19
C ARG B 281 -21.79 45.75 1.93
N TRP B 282 -21.23 44.59 2.27
CA TRP B 282 -22.03 43.57 2.94
C TRP B 282 -22.31 43.91 4.39
N GLY B 283 -21.58 44.87 4.96
CA GLY B 283 -21.79 45.31 6.31
C GLY B 283 -20.69 44.85 7.24
N ARG B 284 -20.64 45.48 8.42
CA ARG B 284 -19.70 45.11 9.47
C ARG B 284 -20.21 43.91 10.26
N PHE B 285 -19.29 43.19 10.89
CA PHE B 285 -19.68 42.01 11.64
C PHE B 285 -18.61 41.66 12.67
N LYS B 286 -19.04 41.04 13.77
CA LYS B 286 -18.12 40.51 14.77
C LYS B 286 -17.60 39.14 14.33
N GLN B 287 -16.28 38.99 14.35
CA GLN B 287 -15.66 37.71 14.01
C GLN B 287 -15.19 36.98 15.26
N ASP B 288 -15.14 35.66 15.16
CA ASP B 288 -14.61 34.83 16.25
C ASP B 288 -13.12 35.13 16.43
N PHE B 289 -12.68 35.26 17.70
CA PHE B 289 -11.28 35.52 18.00
C PHE B 289 -10.52 34.26 18.43
N ILE B 290 -11.12 33.08 18.31
CA ILE B 290 -10.35 31.85 18.47
C ILE B 290 -9.16 31.89 17.51
N ASN B 291 -8.01 31.42 17.98
CA ASN B 291 -6.84 31.40 17.10
C ASN B 291 -7.09 30.37 15.99
N VAL B 292 -6.84 30.78 14.74
CA VAL B 292 -7.26 29.96 13.62
C VAL B 292 -6.46 28.69 13.47
N SER B 293 -5.37 28.52 14.23
CA SER B 293 -4.64 27.26 14.22
C SER B 293 -5.49 26.13 14.75
N VAL B 294 -6.54 26.44 15.50
CA VAL B 294 -7.48 25.43 15.99
C VAL B 294 -8.15 24.70 14.84
N ALA B 295 -8.28 25.37 13.69
CA ALA B 295 -8.83 24.70 12.52
C ALA B 295 -8.03 23.45 12.16
N GLY B 296 -6.72 23.50 12.35
CA GLY B 296 -5.88 22.34 12.11
C GLY B 296 -5.87 21.39 13.30
N GLN B 297 -5.80 21.94 14.50
CA GLN B 297 -5.74 21.14 15.72
C GLN B 297 -6.89 20.15 15.78
N ASN B 298 -8.09 20.62 15.42
CA ASN B 298 -9.31 19.83 15.50
C ASN B 298 -9.75 19.30 14.15
N GLN B 299 -8.84 19.28 13.17
CA GLN B 299 -9.23 18.84 11.84
C GLN B 299 -9.69 17.38 11.85
N GLN B 300 -8.94 16.49 12.53
CA GLN B 300 -9.32 15.08 12.46
C GLN B 300 -10.62 14.82 13.19
N LYS B 301 -10.84 15.45 14.36
CA LYS B 301 -12.14 15.33 15.02
C LYS B 301 -13.25 15.84 14.11
N ALA B 302 -12.97 16.89 13.36
CA ALA B 302 -13.97 17.45 12.43
C ALA B 302 -14.27 16.46 11.30
N ILE B 303 -13.23 15.86 10.74
CA ILE B 303 -13.42 14.84 9.71
C ILE B 303 -14.28 13.70 10.26
N MET B 304 -13.90 13.16 11.43
CA MET B 304 -14.66 12.07 12.00
C MET B 304 -16.10 12.49 12.26
N THR B 305 -16.30 13.72 12.74
CA THR B 305 -17.64 14.20 13.03
C THR B 305 -18.53 14.18 11.78
N MET B 306 -18.02 14.73 10.68
CA MET B 306 -18.85 14.77 9.48
C MET B 306 -19.12 13.39 8.92
N LYS B 307 -18.16 12.46 9.05
CA LYS B 307 -18.36 11.10 8.58
C LYS B 307 -19.47 10.39 9.35
N ARG B 308 -19.45 10.52 10.68
CA ARG B 308 -20.49 9.90 11.51
C ARG B 308 -21.86 10.49 11.25
N ALA B 309 -21.91 11.75 10.82
CA ALA B 309 -23.18 12.44 10.58
C ALA B 309 -23.78 12.13 9.22
N GLY B 310 -23.09 11.37 8.37
CA GLY B 310 -23.59 11.16 7.03
C GLY B 310 -23.48 12.38 6.14
N TYR B 311 -22.54 13.27 6.45
CA TYR B 311 -22.33 14.52 5.69
C TYR B 311 -21.28 14.25 4.63
N LYS B 312 -21.72 14.11 3.37
CA LYS B 312 -20.82 13.78 2.27
C LYS B 312 -20.13 15.00 1.66
N GLU C 2 -3.90 -56.39 -10.69
CA GLU C 2 -2.55 -55.82 -10.60
C GLU C 2 -2.41 -54.53 -11.44
N ILE C 3 -1.64 -53.58 -10.91
CA ILE C 3 -1.32 -52.34 -11.61
C ILE C 3 0.19 -52.15 -11.62
N VAL C 4 0.67 -51.41 -12.62
CA VAL C 4 2.09 -51.13 -12.79
C VAL C 4 2.33 -49.66 -12.53
N VAL C 5 3.26 -49.35 -11.63
CA VAL C 5 3.59 -47.98 -11.26
C VAL C 5 5.02 -47.71 -11.68
N TYR C 6 5.21 -46.73 -12.57
CA TYR C 6 6.53 -46.19 -12.89
C TYR C 6 6.87 -45.10 -11.89
N SER C 7 7.96 -45.28 -11.13
CA SER C 7 8.26 -44.41 -9.99
C SER C 7 9.68 -43.86 -10.05
N ALA C 8 9.81 -42.55 -9.86
CA ALA C 8 11.10 -41.91 -9.69
C ALA C 8 11.50 -41.74 -8.22
N ARG C 9 10.70 -42.29 -7.30
CA ARG C 9 11.04 -42.27 -5.88
C ARG C 9 12.02 -43.41 -5.56
N ALA C 10 12.64 -43.31 -4.38
CA ALA C 10 13.50 -44.39 -3.90
C ALA C 10 12.71 -45.69 -3.78
N ASP C 11 13.29 -46.78 -4.29
CA ASP C 11 12.56 -48.05 -4.32
C ASP C 11 12.11 -48.45 -2.92
N GLU C 12 12.93 -48.17 -1.90
CA GLU C 12 12.56 -48.52 -0.53
C GLU C 12 11.41 -47.69 0.01
N LEU C 13 11.10 -46.55 -0.61
CA LEU C 13 10.05 -45.68 -0.07
C LEU C 13 8.66 -46.13 -0.50
N LEU C 14 8.52 -46.66 -1.71
CA LEU C 14 7.23 -47.14 -2.18
C LEU C 14 6.92 -48.56 -1.77
N LYS C 15 7.91 -49.33 -1.32
CA LYS C 15 7.65 -50.73 -0.96
C LYS C 15 6.59 -50.86 0.13
N PRO C 16 6.66 -50.15 1.26
CA PRO C 16 5.56 -50.25 2.23
C PRO C 16 4.24 -49.71 1.70
N ILE C 17 4.26 -48.77 0.75
CA ILE C 17 3.04 -48.26 0.17
C ILE C 17 2.38 -49.32 -0.72
N ALA C 18 3.19 -49.98 -1.56
CA ALA C 18 2.65 -51.00 -2.44
C ALA C 18 2.11 -52.18 -1.65
N GLU C 19 2.80 -52.55 -0.56
CA GLU C 19 2.34 -53.66 0.26
C GLU C 19 1.04 -53.31 0.99
N ALA C 20 0.95 -52.08 1.50
CA ALA C 20 -0.25 -51.66 2.22
C ALA C 20 -1.47 -51.58 1.31
N TYR C 21 -1.25 -51.26 0.03
CA TYR C 21 -2.37 -51.20 -0.91
C TYR C 21 -2.80 -52.60 -1.33
N GLN C 22 -1.86 -53.54 -1.46
CA GLN C 22 -2.22 -54.91 -1.76
C GLN C 22 -2.98 -55.54 -0.60
N GLN C 23 -2.58 -55.23 0.64
CA GLN C 23 -3.30 -55.75 1.79
C GLN C 23 -4.69 -55.14 1.92
N LYS C 24 -4.85 -53.88 1.56
CA LYS C 24 -6.14 -53.22 1.72
C LYS C 24 -7.12 -53.59 0.62
N THR C 25 -6.63 -53.70 -0.61
CA THR C 25 -7.49 -53.84 -1.78
C THR C 25 -7.26 -55.10 -2.58
N GLY C 26 -6.23 -55.89 -2.29
CA GLY C 26 -5.97 -57.08 -3.05
C GLY C 26 -5.33 -56.87 -4.40
N THR C 27 -5.08 -55.62 -4.79
CA THR C 27 -4.48 -55.31 -6.09
C THR C 27 -2.96 -55.36 -5.95
N LYS C 28 -2.31 -56.13 -6.82
CA LYS C 28 -0.86 -56.15 -6.83
C LYS C 28 -0.34 -54.84 -7.41
N VAL C 29 0.68 -54.28 -6.76
CA VAL C 29 1.27 -53.02 -7.18
C VAL C 29 2.71 -53.33 -7.58
N THR C 30 2.95 -53.40 -8.89
CA THR C 30 4.28 -53.61 -9.41
C THR C 30 4.93 -52.25 -9.66
N VAL C 31 6.08 -52.03 -9.03
CA VAL C 31 6.79 -50.75 -9.10
C VAL C 31 8.03 -50.93 -9.97
N VAL C 32 8.12 -50.13 -11.02
CA VAL C 32 9.31 -50.05 -11.86
C VAL C 32 9.98 -48.71 -11.57
N SER C 33 11.17 -48.77 -10.98
CA SER C 33 11.88 -47.59 -10.49
C SER C 33 13.00 -47.20 -11.45
N ASP C 34 13.18 -45.89 -11.63
CA ASP C 34 14.23 -45.33 -12.47
C ASP C 34 14.26 -43.82 -12.19
N LYS C 35 15.28 -43.14 -12.70
CA LYS C 35 15.31 -41.69 -12.59
C LYS C 35 14.17 -41.07 -13.39
N ALA C 36 13.80 -39.84 -13.02
CA ALA C 36 12.61 -39.20 -13.57
C ALA C 36 12.67 -39.06 -15.09
N GLY C 37 13.76 -38.50 -15.59
CA GLY C 37 13.93 -38.28 -17.01
C GLY C 37 13.81 -39.52 -17.87
N PRO C 38 14.67 -40.52 -17.63
CA PRO C 38 14.57 -41.75 -18.41
C PRO C 38 13.21 -42.41 -18.30
N LEU C 39 12.62 -42.36 -17.09
CA LEU C 39 11.32 -42.95 -16.86
C LEU C 39 10.27 -42.34 -17.77
N MET C 40 10.24 -41.01 -17.88
CA MET C 40 9.29 -40.38 -18.78
C MET C 40 9.63 -40.65 -20.24
N GLU C 41 10.92 -40.66 -20.58
CA GLU C 41 11.31 -40.93 -21.95
C GLU C 41 10.96 -42.35 -22.35
N ARG C 42 10.99 -43.27 -21.39
CA ARG C 42 10.53 -44.63 -21.65
C ARG C 42 9.03 -44.66 -21.92
N LEU C 43 8.23 -43.95 -21.11
CA LEU C 43 6.80 -43.92 -21.33
C LEU C 43 6.44 -43.33 -22.69
N LYS C 44 7.13 -42.26 -23.10
CA LYS C 44 6.84 -41.68 -24.40
C LYS C 44 7.13 -42.65 -25.54
N ALA C 45 8.20 -43.43 -25.40
CA ALA C 45 8.57 -44.37 -26.47
C ALA C 45 7.62 -45.57 -26.50
N GLU C 46 7.18 -46.04 -25.34
CA GLU C 46 6.35 -47.24 -25.31
C GLU C 46 5.00 -47.00 -25.95
N GLY C 47 4.45 -45.79 -25.86
CA GLY C 47 3.23 -45.49 -26.59
C GLY C 47 2.11 -46.38 -26.11
N LYS C 48 1.28 -46.83 -27.06
CA LYS C 48 0.14 -47.66 -26.73
C LYS C 48 0.55 -49.02 -26.16
N ASN C 49 1.78 -49.47 -26.42
CA ASN C 49 2.19 -50.79 -25.95
C ASN C 49 2.70 -50.77 -24.52
N THR C 50 2.56 -49.66 -23.80
CA THR C 50 3.05 -49.60 -22.44
C THR C 50 2.21 -50.49 -21.53
N GLN C 51 2.84 -51.01 -20.50
CA GLN C 51 2.17 -51.73 -19.42
C GLN C 51 1.98 -50.88 -18.17
N ALA C 52 2.50 -49.65 -18.17
CA ALA C 52 2.41 -48.80 -17.00
C ALA C 52 1.00 -48.25 -16.84
N ASP C 53 0.57 -48.13 -15.58
CA ASP C 53 -0.72 -47.56 -15.23
C ASP C 53 -0.62 -46.22 -14.53
N VAL C 54 0.36 -46.06 -13.63
CA VAL C 54 0.57 -44.84 -12.88
C VAL C 54 2.02 -44.41 -13.02
N LEU C 55 2.25 -43.11 -13.19
CA LEU C 55 3.56 -42.50 -13.09
C LEU C 55 3.64 -41.70 -11.79
N ILE C 56 4.59 -42.06 -10.93
CA ILE C 56 4.93 -41.28 -9.75
C ILE C 56 6.33 -40.72 -9.97
N THR C 57 6.44 -39.39 -9.96
CA THR C 57 7.72 -38.75 -10.23
C THR C 57 7.88 -37.58 -9.27
N VAL C 58 9.02 -36.90 -9.40
CA VAL C 58 9.47 -35.93 -8.41
C VAL C 58 9.64 -34.58 -9.08
N ASP C 59 9.17 -33.53 -8.41
CA ASP C 59 9.31 -32.13 -8.80
C ASP C 59 8.27 -31.72 -9.83
N GLY C 60 7.61 -30.57 -9.60
CA GLY C 60 6.66 -30.06 -10.57
C GLY C 60 7.28 -29.81 -11.94
N GLY C 61 8.58 -29.55 -11.99
CA GLY C 61 9.25 -29.43 -13.27
C GLY C 61 9.16 -30.70 -14.08
N ASN C 62 9.39 -31.84 -13.43
CA ASN C 62 9.30 -33.13 -14.11
C ASN C 62 7.87 -33.53 -14.37
N LEU C 63 6.96 -33.20 -13.45
CA LEU C 63 5.55 -33.48 -13.70
C LEU C 63 5.08 -32.69 -14.92
N TRP C 64 5.56 -31.46 -15.06
CA TRP C 64 5.22 -30.64 -16.22
C TRP C 64 5.82 -31.20 -17.50
N GLN C 65 7.04 -31.72 -17.43
CA GLN C 65 7.65 -32.35 -18.60
C GLN C 65 6.81 -33.53 -19.09
N ALA C 66 6.35 -34.39 -18.17
CA ALA C 66 5.53 -35.53 -18.57
C ALA C 66 4.22 -35.07 -19.18
N THR C 67 3.63 -34.01 -18.64
CA THR C 67 2.38 -33.49 -19.21
C THR C 67 2.61 -32.93 -20.61
N GLN C 68 3.71 -32.20 -20.81
CA GLN C 68 4.02 -31.69 -22.14
C GLN C 68 4.34 -32.81 -23.12
N ALA C 69 4.93 -33.90 -22.63
CA ALA C 69 5.26 -35.03 -23.48
C ALA C 69 4.03 -35.83 -23.89
N GLY C 70 2.87 -35.57 -23.28
CA GLY C 70 1.65 -36.26 -23.60
C GLY C 70 1.54 -37.67 -23.07
N VAL C 71 2.27 -38.03 -22.02
CA VAL C 71 2.21 -39.38 -21.47
C VAL C 71 1.17 -39.53 -20.38
N LEU C 72 0.50 -38.45 -20.00
CA LEU C 72 -0.51 -38.47 -18.95
C LEU C 72 -1.86 -38.13 -19.55
N ARG C 73 -2.91 -38.66 -18.95
CA ARG C 73 -4.26 -38.33 -19.33
C ARG C 73 -4.95 -37.61 -18.18
N PRO C 74 -5.66 -36.51 -18.47
CA PRO C 74 -6.34 -35.78 -17.40
C PRO C 74 -7.48 -36.60 -16.84
N ILE C 75 -7.62 -36.56 -15.52
CA ILE C 75 -8.71 -37.23 -14.82
C ILE C 75 -9.46 -36.19 -14.01
N ASN C 76 -10.78 -36.36 -13.91
CA ASN C 76 -11.63 -35.47 -13.12
C ASN C 76 -11.98 -36.22 -11.84
N SER C 77 -11.31 -35.86 -10.75
CA SER C 77 -11.44 -36.54 -9.47
C SER C 77 -11.82 -35.51 -8.41
N SER C 78 -13.05 -35.62 -7.89
CA SER C 78 -13.48 -34.77 -6.79
C SER C 78 -12.69 -35.04 -5.52
N VAL C 79 -12.25 -36.29 -5.32
CA VAL C 79 -11.47 -36.63 -4.14
C VAL C 79 -10.14 -35.90 -4.15
N LEU C 80 -9.42 -35.97 -5.28
CA LEU C 80 -8.10 -35.36 -5.36
C LEU C 80 -8.18 -33.84 -5.29
N LYS C 81 -9.16 -33.25 -5.97
CA LYS C 81 -9.32 -31.80 -5.90
C LYS C 81 -9.64 -31.36 -4.48
N SER C 82 -10.24 -32.24 -3.69
CA SER C 82 -10.56 -31.91 -2.30
C SER C 82 -9.35 -32.11 -1.40
N ASN C 83 -8.61 -33.22 -1.57
CA ASN C 83 -7.51 -33.54 -0.67
C ASN C 83 -6.24 -32.78 -0.99
N ILE C 84 -6.06 -32.36 -2.24
CA ILE C 84 -4.81 -31.76 -2.70
C ILE C 84 -5.08 -30.28 -2.97
N PRO C 85 -4.35 -29.36 -2.34
CA PRO C 85 -4.54 -27.94 -2.66
C PRO C 85 -4.30 -27.67 -4.14
N SER C 86 -5.02 -26.69 -4.67
CA SER C 86 -4.99 -26.40 -6.10
C SER C 86 -3.59 -26.04 -6.58
N HIS C 87 -2.80 -25.35 -5.75
CA HIS C 87 -1.47 -24.96 -6.21
C HIS C 87 -0.50 -26.12 -6.24
N LEU C 88 -0.89 -27.29 -5.73
CA LEU C 88 -0.03 -28.48 -5.70
C LEU C 88 -0.46 -29.56 -6.70
N ARG C 89 -1.32 -29.21 -7.67
CA ARG C 89 -1.76 -30.19 -8.65
C ARG C 89 -1.94 -29.50 -9.99
N ASP C 90 -1.90 -30.29 -11.06
CA ASP C 90 -1.91 -29.75 -12.42
C ASP C 90 -3.20 -28.99 -12.68
N PRO C 91 -3.11 -27.76 -13.20
CA PRO C 91 -4.33 -27.01 -13.53
C PRO C 91 -5.21 -27.72 -14.54
N LYS C 92 -4.61 -28.53 -15.43
CA LYS C 92 -5.36 -29.29 -16.41
C LYS C 92 -5.61 -30.73 -15.96
N ASN C 93 -5.41 -31.02 -14.67
CA ASN C 93 -5.79 -32.29 -14.04
C ASN C 93 -4.97 -33.48 -14.53
N HIS C 94 -3.76 -33.26 -15.04
CA HIS C 94 -2.93 -34.38 -15.48
C HIS C 94 -2.16 -35.04 -14.34
N TRP C 95 -1.87 -34.32 -13.26
CA TRP C 95 -1.10 -34.89 -12.16
C TRP C 95 -1.45 -34.17 -10.86
N PHE C 96 -1.10 -34.83 -9.75
CA PHE C 96 -1.48 -34.41 -8.40
C PHE C 96 -0.31 -34.56 -7.44
N GLY C 97 0.07 -33.46 -6.80
CA GLY C 97 1.12 -33.52 -5.79
C GLY C 97 0.68 -34.36 -4.61
N LEU C 98 1.60 -35.17 -4.10
CA LEU C 98 1.32 -36.10 -3.03
C LEU C 98 2.25 -35.93 -1.84
N SER C 99 3.36 -35.22 -2.00
CA SER C 99 4.21 -34.83 -0.89
C SER C 99 4.71 -33.42 -1.19
N VAL C 100 5.03 -32.69 -0.14
CA VAL C 100 5.48 -31.31 -0.25
C VAL C 100 6.88 -31.23 0.35
N ARG C 101 7.77 -30.56 -0.36
CA ARG C 101 9.08 -30.19 0.14
C ARG C 101 9.24 -28.70 -0.03
N ALA C 102 10.05 -28.10 0.84
CA ALA C 102 10.41 -26.71 0.70
C ALA C 102 11.87 -26.63 0.33
N ARG C 103 12.18 -25.72 -0.58
CA ARG C 103 13.57 -25.36 -0.86
C ARG C 103 13.78 -24.01 -0.21
N THR C 104 14.57 -23.98 0.87
CA THR C 104 14.65 -22.78 1.69
C THR C 104 16.07 -22.67 2.25
N ILE C 105 16.26 -21.69 3.10
CA ILE C 105 17.57 -21.28 3.58
C ILE C 105 17.96 -22.17 4.75
N PHE C 106 19.25 -22.52 4.83
CA PHE C 106 19.83 -23.18 6.00
C PHE C 106 21.03 -22.36 6.47
N TYR C 107 21.28 -22.38 7.77
CA TYR C 107 22.34 -21.53 8.29
C TYR C 107 22.96 -22.17 9.52
N ASN C 108 24.18 -21.72 9.83
CA ASN C 108 24.89 -22.14 11.04
C ASN C 108 24.46 -21.22 12.17
N PRO C 109 23.64 -21.69 13.12
CA PRO C 109 23.12 -20.78 14.15
C PRO C 109 24.20 -20.32 15.15
N ASN C 110 25.40 -20.87 15.09
CA ASN C 110 26.51 -20.32 15.87
C ASN C 110 27.22 -19.17 15.16
N LYS C 111 26.99 -19.00 13.86
CA LYS C 111 27.68 -17.98 13.10
C LYS C 111 26.75 -16.97 12.46
N VAL C 112 25.44 -17.25 12.37
CA VAL C 112 24.46 -16.39 11.72
C VAL C 112 23.28 -16.22 12.64
N ASN C 113 22.93 -15.02 12.93
CA ASN C 113 21.70 -14.76 13.65
C ASN C 113 20.52 -14.89 12.70
N PRO C 114 19.43 -15.53 13.11
CA PRO C 114 18.26 -15.60 12.22
C PRO C 114 17.71 -14.25 11.82
N SER C 115 17.98 -13.19 12.60
CA SER C 115 17.60 -11.84 12.20
C SER C 115 18.36 -11.39 10.96
N GLU C 116 19.50 -12.01 10.67
CA GLU C 116 20.25 -11.66 9.49
C GLU C 116 19.63 -12.21 8.21
N LEU C 117 18.63 -13.08 8.33
CA LEU C 117 18.04 -13.77 7.19
C LEU C 117 16.64 -13.24 6.90
N SER C 118 16.23 -13.32 5.63
CA SER C 118 14.89 -12.93 5.25
C SER C 118 14.41 -13.61 3.98
N THR C 119 15.01 -13.28 2.84
CA THR C 119 14.51 -13.67 1.54
C THR C 119 15.59 -14.37 0.71
N TYR C 120 15.13 -15.05 -0.34
CA TYR C 120 16.06 -15.55 -1.35
C TYR C 120 16.90 -14.42 -1.93
N ALA C 121 16.26 -13.29 -2.24
CA ALA C 121 16.97 -12.16 -2.85
C ALA C 121 18.00 -11.56 -1.88
N ASP C 122 17.68 -11.51 -0.58
CA ASP C 122 18.63 -10.94 0.39
C ASP C 122 19.97 -11.64 0.38
N LEU C 123 20.01 -12.92 0.00
CA LEU C 123 21.27 -13.65 -0.04
C LEU C 123 22.22 -13.10 -1.09
N ALA C 124 21.75 -12.27 -2.03
CA ALA C 124 22.64 -11.60 -2.96
C ALA C 124 23.30 -10.37 -2.34
N ASP C 125 22.87 -9.96 -1.14
CA ASP C 125 23.42 -8.79 -0.50
C ASP C 125 24.92 -8.99 -0.25
N PRO C 126 25.75 -7.97 -0.46
CA PRO C 126 27.21 -8.15 -0.29
C PRO C 126 27.65 -8.54 1.11
N LYS C 127 26.78 -8.42 2.12
N LYS C 127 26.78 -8.43 2.13
CA LYS C 127 27.15 -8.86 3.47
CA LYS C 127 27.17 -8.86 3.47
C LYS C 127 27.42 -10.36 3.52
C LYS C 127 27.40 -10.36 3.54
N TRP C 128 26.94 -11.12 2.56
CA TRP C 128 27.11 -12.56 2.53
C TRP C 128 28.32 -13.01 1.73
N LYS C 129 29.19 -12.09 1.32
CA LYS C 129 30.32 -12.46 0.48
C LYS C 129 31.23 -13.44 1.22
N GLY C 130 31.55 -14.56 0.55
CA GLY C 130 32.37 -15.59 1.12
C GLY C 130 31.69 -16.45 2.16
N ARG C 131 30.37 -16.35 2.30
CA ARG C 131 29.63 -17.10 3.30
C ARG C 131 28.51 -17.97 2.74
N LEU C 132 28.14 -17.79 1.47
CA LEU C 132 27.03 -18.53 0.87
C LEU C 132 27.53 -19.78 0.18
N CYS C 133 26.75 -20.84 0.25
CA CYS C 133 27.01 -22.03 -0.55
C CYS C 133 25.70 -22.51 -1.19
N LEU C 134 25.83 -23.11 -2.37
CA LEU C 134 24.67 -23.55 -3.12
C LEU C 134 24.90 -24.94 -3.67
N ARG C 135 23.81 -25.64 -3.97
CA ARG C 135 23.89 -26.83 -4.80
C ARG C 135 23.88 -26.44 -6.26
N THR C 136 24.45 -27.31 -7.09
CA THR C 136 24.65 -27.01 -8.50
C THR C 136 23.34 -26.59 -9.18
N SER C 137 23.47 -25.65 -10.13
CA SER C 137 22.33 -25.26 -10.96
C SER C 137 21.85 -26.39 -11.86
N ASN C 138 22.68 -27.42 -12.05
CA ASN C 138 22.33 -28.54 -12.91
C ASN C 138 21.48 -29.53 -12.10
N ASN C 139 20.22 -29.14 -11.88
CA ASN C 139 19.36 -29.88 -10.96
C ASN C 139 17.95 -29.29 -11.03
N VAL C 140 16.95 -30.16 -10.99
CA VAL C 140 15.56 -29.72 -11.22
C VAL C 140 15.05 -28.89 -10.04
N TYR C 141 15.53 -29.13 -8.81
CA TYR C 141 15.06 -28.35 -7.68
C TYR C 141 15.45 -26.89 -7.85
N ASN C 142 16.68 -26.64 -8.28
CA ASN C 142 17.14 -25.27 -8.47
C ASN C 142 16.52 -24.64 -9.70
N GLN C 143 16.34 -25.42 -10.77
CA GLN C 143 15.60 -24.92 -11.92
C GLN C 143 14.20 -24.47 -11.50
N SER C 144 13.52 -25.28 -10.71
CA SER C 144 12.19 -24.96 -10.26
C SER C 144 12.17 -23.73 -9.35
N LEU C 145 13.11 -23.64 -8.40
CA LEU C 145 13.14 -22.46 -7.54
C LEU C 145 13.31 -21.18 -8.36
N VAL C 146 14.32 -21.15 -9.24
CA VAL C 146 14.58 -19.95 -10.04
C VAL C 146 13.46 -19.71 -11.03
N ALA C 147 12.75 -20.76 -11.43
CA ALA C 147 11.59 -20.58 -12.29
C ALA C 147 10.50 -19.78 -11.58
N THR C 148 10.30 -20.05 -10.28
CA THR C 148 9.32 -19.30 -9.51
C THR C 148 9.83 -17.90 -9.16
N MET C 149 11.13 -17.74 -8.96
CA MET C 149 11.69 -16.41 -8.74
C MET C 149 11.43 -15.51 -9.94
N ILE C 150 11.56 -16.07 -11.16
CA ILE C 150 11.25 -15.32 -12.38
C ILE C 150 9.76 -14.97 -12.45
N ALA C 151 8.89 -15.92 -12.12
CA ALA C 151 7.47 -15.63 -12.13
C ALA C 151 7.11 -14.58 -11.09
N ASN C 152 7.75 -14.65 -9.91
CA ASN C 152 7.34 -13.76 -8.84
C ASN C 152 7.96 -12.38 -8.96
N HIS C 153 9.18 -12.27 -9.48
CA HIS C 153 9.89 -11.00 -9.48
C HIS C 153 10.36 -10.54 -10.84
N GLY C 154 10.20 -11.35 -11.89
CA GLY C 154 10.60 -10.91 -13.19
C GLY C 154 12.03 -11.33 -13.53
N GLN C 155 12.33 -11.27 -14.83
CA GLN C 155 13.58 -11.78 -15.35
C GLN C 155 14.76 -10.91 -14.93
N ALA C 156 14.60 -9.58 -15.01
CA ALA C 156 15.72 -8.69 -14.70
C ALA C 156 16.11 -8.77 -13.23
N THR C 157 15.14 -8.80 -12.32
CA THR C 157 15.46 -8.92 -10.90
C THR C 157 16.12 -10.26 -10.59
N THR C 158 15.59 -11.34 -11.15
CA THR C 158 16.16 -12.67 -10.88
C THR C 158 17.60 -12.78 -11.42
N ASP C 159 17.85 -12.23 -12.62
CA ASP C 159 19.22 -12.16 -13.13
C ASP C 159 20.13 -11.48 -12.13
N ARG C 160 19.68 -10.38 -11.54
CA ARG C 160 20.47 -9.66 -10.56
C ARG C 160 20.68 -10.48 -9.30
N VAL C 161 19.62 -11.16 -8.83
CA VAL C 161 19.76 -11.95 -7.60
C VAL C 161 20.71 -13.12 -7.81
N VAL C 162 20.49 -13.89 -8.88
CA VAL C 162 21.30 -15.09 -9.09
C VAL C 162 22.75 -14.74 -9.37
N LYS C 163 22.99 -13.64 -10.09
CA LYS C 163 24.37 -13.17 -10.25
C LYS C 163 24.96 -12.78 -8.89
N GLY C 164 24.14 -12.15 -8.04
CA GLY C 164 24.63 -11.79 -6.71
C GLY C 164 24.93 -12.99 -5.84
N TRP C 165 24.10 -14.05 -5.94
CA TRP C 165 24.41 -15.32 -5.29
C TRP C 165 25.81 -15.81 -5.66
N VAL C 166 26.10 -15.84 -6.97
CA VAL C 166 27.37 -16.37 -7.44
C VAL C 166 28.53 -15.54 -6.90
N ALA C 167 28.35 -14.22 -6.82
CA ALA C 167 29.39 -13.35 -6.27
C ALA C 167 29.67 -13.63 -4.80
N ASN C 168 28.71 -14.20 -4.08
CA ASN C 168 28.81 -14.42 -2.64
C ASN C 168 29.31 -15.83 -2.28
N LEU C 169 29.62 -16.67 -3.27
CA LEU C 169 29.94 -18.07 -3.00
C LEU C 169 31.21 -18.22 -2.17
N ALA C 170 31.13 -19.06 -1.14
CA ALA C 170 32.30 -19.43 -0.36
C ALA C 170 33.07 -20.58 -0.98
N ALA C 171 32.41 -21.37 -1.83
CA ALA C 171 33.01 -22.49 -2.53
C ALA C 171 32.17 -22.77 -3.76
N ALA C 172 32.69 -23.62 -4.64
CA ALA C 172 31.96 -24.00 -5.83
C ALA C 172 30.67 -24.74 -5.46
N PRO C 173 29.62 -24.62 -6.27
CA PRO C 173 28.37 -25.30 -5.95
C PRO C 173 28.56 -26.79 -5.77
N PHE C 174 27.89 -27.33 -4.75
CA PHE C 174 28.01 -28.73 -4.39
C PHE C 174 27.18 -29.61 -5.30
N ALA C 175 27.55 -30.90 -5.34
CA ALA C 175 26.91 -31.83 -6.25
C ALA C 175 25.54 -32.31 -5.75
N ASN C 176 25.24 -32.18 -4.46
CA ASN C 176 23.91 -32.51 -3.94
C ASN C 176 23.63 -31.72 -2.66
N ASP C 177 22.37 -31.75 -2.22
CA ASP C 177 21.95 -30.94 -1.09
C ASP C 177 22.60 -31.43 0.20
N THR C 178 22.75 -32.74 0.35
CA THR C 178 23.31 -33.26 1.58
C THR C 178 24.75 -32.80 1.76
N ALA C 179 25.54 -32.84 0.68
CA ALA C 179 26.92 -32.34 0.73
C ALA C 179 26.97 -30.86 1.08
N LEU C 180 26.00 -30.08 0.60
CA LEU C 180 25.89 -28.68 1.00
C LEU C 180 25.63 -28.54 2.49
N LEU C 181 24.65 -29.27 3.01
CA LEU C 181 24.33 -29.16 4.43
C LEU C 181 25.50 -29.59 5.29
N GLU C 182 26.25 -30.59 4.84
CA GLU C 182 27.40 -31.06 5.63
C GLU C 182 28.52 -30.05 5.61
N ALA C 183 28.60 -29.24 4.55
CA ALA C 183 29.59 -28.17 4.46
C ALA C 183 29.20 -26.98 5.33
N ILE C 184 27.91 -26.77 5.57
CA ILE C 184 27.54 -25.78 6.58
C ILE C 184 27.96 -26.30 7.96
N ASP C 185 27.68 -27.57 8.22
CA ASP C 185 28.03 -28.17 9.51
C ASP C 185 29.53 -28.15 9.75
N ALA C 186 30.33 -28.34 8.70
CA ALA C 186 31.78 -28.32 8.83
C ALA C 186 32.35 -26.92 8.97
N GLY C 187 31.54 -25.88 8.82
CA GLY C 187 32.02 -24.52 8.94
C GLY C 187 32.49 -23.88 7.66
N ARG C 188 32.42 -24.60 6.53
CA ARG C 188 32.84 -24.00 5.26
C ARG C 188 31.83 -22.97 4.78
N CYS C 189 30.56 -23.16 5.11
CA CYS C 189 29.46 -22.34 4.62
C CYS C 189 28.65 -21.83 5.79
N ASP C 190 28.33 -20.55 5.79
CA ASP C 190 27.48 -20.06 6.86
C ASP C 190 25.99 -20.14 6.51
N VAL C 191 25.66 -20.10 5.22
N VAL C 191 25.64 -20.04 5.22
CA VAL C 191 24.27 -20.11 4.79
CA VAL C 191 24.25 -20.06 4.78
C VAL C 191 24.17 -20.84 3.45
C VAL C 191 24.17 -20.83 3.46
N GLY C 192 23.02 -21.47 3.21
CA GLY C 192 22.80 -22.25 2.01
C GLY C 192 21.33 -22.37 1.66
N ILE C 193 21.06 -23.04 0.53
CA ILE C 193 19.72 -23.32 0.05
C ILE C 193 19.59 -24.81 -0.28
N ALA C 194 18.57 -25.46 0.25
CA ALA C 194 18.42 -26.89 0.03
C ALA C 194 16.98 -27.31 0.29
N ASN C 195 16.68 -28.56 -0.05
CA ASN C 195 15.37 -29.14 0.24
C ASN C 195 15.28 -29.60 1.70
N THR C 196 14.11 -29.40 2.31
CA THR C 196 13.95 -29.67 3.74
C THR C 196 14.13 -31.15 4.08
N TYR C 197 13.74 -32.06 3.17
CA TYR C 197 13.77 -33.47 3.54
C TYR C 197 15.19 -34.02 3.66
N TYR C 198 16.17 -33.42 2.97
CA TYR C 198 17.55 -33.80 3.22
C TYR C 198 17.99 -33.43 4.63
N TYR C 199 17.48 -32.32 5.15
CA TYR C 199 17.80 -31.92 6.51
C TYR C 199 17.19 -32.88 7.53
N GLY C 200 15.93 -33.26 7.33
CA GLY C 200 15.33 -34.26 8.19
C GLY C 200 16.04 -35.60 8.11
N ARG C 201 16.46 -35.99 6.90
CA ARG C 201 17.20 -37.23 6.72
C ARG C 201 18.54 -37.19 7.44
N LEU C 202 19.24 -36.05 7.34
CA LEU C 202 20.55 -35.93 7.97
C LEU C 202 20.45 -35.89 9.49
N LEU C 203 19.49 -35.13 10.04
CA LEU C 203 19.32 -35.11 11.49
C LEU C 203 18.91 -36.48 12.04
N ASN C 204 18.19 -37.28 11.23
CA ASN C 204 17.78 -38.60 11.69
C ASN C 204 18.99 -39.51 11.92
N SER C 205 19.99 -39.43 11.03
CA SER C 205 21.17 -40.28 11.15
C SER C 205 22.28 -39.64 11.97
N LYS C 206 22.39 -38.31 11.94
CA LYS C 206 23.42 -37.58 12.69
C LYS C 206 22.75 -36.42 13.42
N PRO C 207 22.10 -36.69 14.55
CA PRO C 207 21.37 -35.63 15.26
C PRO C 207 22.24 -34.47 15.71
N GLN C 208 23.54 -34.68 15.87
CA GLN C 208 24.42 -33.60 16.29
C GLN C 208 24.55 -32.49 15.26
N VAL C 209 24.14 -32.76 14.01
CA VAL C 209 24.19 -31.71 12.99
C VAL C 209 23.39 -30.50 13.41
N ALA C 210 22.31 -30.70 14.19
CA ALA C 210 21.49 -29.58 14.62
C ALA C 210 22.28 -28.52 15.39
N ASN C 211 23.43 -28.88 15.97
CA ASN C 211 24.24 -27.86 16.63
C ASN C 211 24.68 -26.77 15.66
N ASN C 212 25.02 -27.16 14.43
CA ASN C 212 25.63 -26.26 13.46
C ASN C 212 24.77 -25.98 12.23
N VAL C 213 23.58 -26.55 12.10
CA VAL C 213 22.75 -26.36 10.89
C VAL C 213 21.28 -26.25 11.31
N LYS C 214 20.65 -25.11 10.99
CA LYS C 214 19.23 -24.92 11.27
C LYS C 214 18.52 -24.42 10.01
N VAL C 215 17.21 -24.64 9.96
CA VAL C 215 16.40 -24.28 8.79
C VAL C 215 15.79 -22.91 9.04
N PHE C 216 15.71 -22.09 7.99
CA PHE C 216 15.04 -20.81 8.04
C PHE C 216 14.04 -20.75 6.88
N PHE C 217 12.78 -20.49 7.20
CA PHE C 217 11.74 -20.45 6.16
C PHE C 217 11.71 -19.06 5.55
N ALA C 218 12.02 -18.99 4.25
CA ALA C 218 12.29 -17.76 3.55
C ALA C 218 11.00 -17.05 3.12
N ASN C 219 11.13 -15.74 2.92
CA ASN C 219 10.11 -14.91 2.26
C ASN C 219 8.78 -14.92 3.02
N GLN C 220 8.84 -14.88 4.36
CA GLN C 220 7.61 -14.94 5.14
C GLN C 220 6.79 -13.67 5.03
N ALA C 221 7.44 -12.52 4.83
CA ALA C 221 6.72 -11.26 4.68
C ALA C 221 6.08 -11.10 3.30
N GLY C 222 6.61 -11.77 2.27
CA GLY C 222 6.11 -11.65 0.91
C GLY C 222 5.25 -12.82 0.47
N LYS C 223 5.62 -13.45 -0.65
CA LYS C 223 4.79 -14.51 -1.21
C LYS C 223 4.91 -15.84 -0.45
N GLY C 224 5.94 -16.03 0.34
CA GLY C 224 6.09 -17.26 1.09
C GLY C 224 7.28 -18.08 0.59
N THR C 225 7.50 -19.19 1.31
CA THR C 225 8.62 -20.08 1.01
C THR C 225 8.29 -20.88 -0.25
N HIS C 226 9.29 -21.04 -1.11
CA HIS C 226 9.14 -21.89 -2.28
C HIS C 226 8.87 -23.32 -1.85
N VAL C 227 7.78 -23.90 -2.35
CA VAL C 227 7.50 -25.31 -2.10
C VAL C 227 7.40 -26.03 -3.44
N ASN C 228 7.62 -27.34 -3.40
CA ASN C 228 7.52 -28.20 -4.57
C ASN C 228 6.97 -29.54 -4.12
N VAL C 229 6.77 -30.47 -5.05
CA VAL C 229 6.05 -31.71 -4.75
C VAL C 229 6.69 -32.92 -5.41
N SER C 230 6.34 -34.09 -4.89
CA SER C 230 6.30 -35.30 -5.68
C SER C 230 4.83 -35.60 -5.98
N GLY C 231 4.57 -36.14 -7.16
CA GLY C 231 3.18 -36.34 -7.55
C GLY C 231 2.98 -37.53 -8.46
N ALA C 232 1.71 -37.80 -8.77
CA ALA C 232 1.35 -38.94 -9.60
C ALA C 232 0.28 -38.55 -10.61
N GLY C 233 0.24 -39.29 -11.72
CA GLY C 233 -0.80 -39.13 -12.72
C GLY C 233 -1.05 -40.46 -13.40
N VAL C 234 -2.22 -40.57 -14.04
CA VAL C 234 -2.56 -41.78 -14.79
C VAL C 234 -1.90 -41.73 -16.16
N VAL C 235 -1.28 -42.83 -16.54
CA VAL C 235 -0.66 -42.94 -17.87
C VAL C 235 -1.74 -42.88 -18.93
N LYS C 236 -1.49 -42.10 -19.99
CA LYS C 236 -2.49 -41.86 -21.03
C LYS C 236 -2.95 -43.17 -21.66
N HIS C 237 -2.02 -44.06 -22.00
CA HIS C 237 -2.34 -45.33 -22.65
C HIS C 237 -2.44 -46.49 -21.67
N SER C 238 -2.79 -46.21 -20.42
CA SER C 238 -2.94 -47.28 -19.43
C SER C 238 -4.08 -48.21 -19.77
N ASP C 239 -3.90 -49.50 -19.46
CA ASP C 239 -4.95 -50.49 -19.63
C ASP C 239 -6.00 -50.43 -18.54
N ASN C 240 -5.66 -49.94 -17.34
CA ASN C 240 -6.57 -49.88 -16.20
C ASN C 240 -6.69 -48.44 -15.72
N PRO C 241 -7.25 -47.54 -16.54
CA PRO C 241 -7.29 -46.13 -16.12
C PRO C 241 -8.14 -45.88 -14.89
N ALA C 242 -9.14 -46.72 -14.63
CA ALA C 242 -9.96 -46.54 -13.44
C ALA C 242 -9.24 -47.00 -12.19
N GLU C 243 -8.61 -48.17 -12.25
CA GLU C 243 -7.89 -48.68 -11.08
C GLU C 243 -6.62 -47.87 -10.80
N ALA C 244 -6.03 -47.28 -11.84
CA ALA C 244 -4.91 -46.36 -11.62
C ALA C 244 -5.36 -45.12 -10.89
N GLN C 245 -6.51 -44.58 -11.28
CA GLN C 245 -7.07 -43.40 -10.63
C GLN C 245 -7.44 -43.69 -9.18
N LYS C 246 -7.95 -44.89 -8.90
CA LYS C 246 -8.26 -45.24 -7.52
C LYS C 246 -7.01 -45.33 -6.66
N PHE C 247 -5.89 -45.79 -7.24
CA PHE C 247 -4.65 -45.89 -6.50
C PHE C 247 -4.15 -44.51 -6.09
N ILE C 248 -4.20 -43.54 -7.00
CA ILE C 248 -3.72 -42.20 -6.70
C ILE C 248 -4.63 -41.52 -5.68
N GLU C 249 -5.95 -41.71 -5.82
CA GLU C 249 -6.89 -41.14 -4.85
C GLU C 249 -6.63 -41.69 -3.45
N TRP C 250 -6.30 -42.97 -3.36
CA TRP C 250 -5.97 -43.54 -2.05
C TRP C 250 -4.67 -42.94 -1.50
N LEU C 251 -3.70 -42.70 -2.38
CA LEU C 251 -2.44 -42.10 -1.95
C LEU C 251 -2.65 -40.72 -1.33
N SER C 252 -3.72 -40.03 -1.71
CA SER C 252 -4.04 -38.73 -1.14
C SER C 252 -4.73 -38.82 0.21
N SER C 253 -4.99 -40.02 0.71
CA SER C 253 -5.73 -40.23 1.95
C SER C 253 -4.81 -40.19 3.15
N ASN C 254 -5.43 -40.04 4.33
CA ASN C 254 -4.68 -39.85 5.58
C ASN C 254 -3.68 -40.99 5.81
N GLU C 255 -4.15 -42.24 5.77
CA GLU C 255 -3.28 -43.36 6.10
C GLU C 255 -2.12 -43.47 5.10
N ALA C 256 -2.40 -43.24 3.81
CA ALA C 256 -1.36 -43.31 2.80
C ALA C 256 -0.44 -42.10 2.81
N GLN C 257 -0.98 -40.91 3.12
CA GLN C 257 -0.14 -39.72 3.20
C GLN C 257 0.94 -39.88 4.27
N ARG C 258 0.59 -40.51 5.40
CA ARG C 258 1.60 -40.78 6.42
C ARG C 258 2.67 -41.71 5.88
N LEU C 259 2.25 -42.80 5.22
CA LEU C 259 3.22 -43.73 4.65
C LEU C 259 4.02 -43.09 3.53
N TYR C 260 3.40 -42.19 2.76
CA TYR C 260 4.05 -41.66 1.58
C TYR C 260 5.04 -40.56 1.92
N ALA C 261 4.73 -39.73 2.91
CA ALA C 261 5.48 -38.52 3.20
C ALA C 261 6.38 -38.64 4.43
N ASP C 262 5.93 -39.33 5.48
CA ASP C 262 6.67 -39.32 6.75
C ASP C 262 8.05 -39.95 6.59
N ARG C 263 8.13 -41.09 5.90
CA ARG C 263 9.38 -41.84 5.81
C ARG C 263 10.47 -41.06 5.07
N ASN C 264 10.10 -40.11 4.21
CA ASN C 264 11.08 -39.30 3.50
C ASN C 264 11.24 -37.91 4.10
N PHE C 265 10.66 -37.66 5.29
CA PHE C 265 10.78 -36.38 5.98
C PHE C 265 10.24 -35.24 5.12
N GLU C 266 9.19 -35.52 4.37
CA GLU C 266 8.46 -34.52 3.62
C GLU C 266 7.17 -34.15 4.33
N TYR C 267 6.57 -33.04 3.89
CA TYR C 267 5.25 -32.65 4.36
C TYR C 267 4.18 -33.42 3.59
N PRO C 268 3.08 -33.78 4.23
CA PRO C 268 1.94 -34.28 3.46
C PRO C 268 1.40 -33.19 2.54
N ALA C 269 0.89 -33.62 1.38
CA ALA C 269 0.20 -32.69 0.50
C ALA C 269 -1.22 -32.40 0.99
N ASN C 270 -1.84 -33.36 1.66
CA ASN C 270 -3.17 -33.18 2.24
C ASN C 270 -3.05 -32.37 3.52
N ILE C 271 -3.53 -31.12 3.50
CA ILE C 271 -3.32 -30.23 4.65
C ILE C 271 -4.04 -30.68 5.90
N GLN C 272 -4.97 -31.62 5.80
CA GLN C 272 -5.59 -32.19 6.99
C GLN C 272 -4.74 -33.27 7.64
N VAL C 273 -3.57 -33.59 7.09
CA VAL C 273 -2.67 -34.59 7.65
C VAL C 273 -1.50 -33.86 8.32
N THR C 274 -1.38 -33.99 9.64
CA THR C 274 -0.31 -33.30 10.35
C THR C 274 1.05 -33.92 10.03
N PRO C 275 2.09 -33.10 9.84
CA PRO C 275 3.39 -33.65 9.48
C PRO C 275 4.02 -34.44 10.63
N THR C 276 4.92 -35.35 10.23
CA THR C 276 5.62 -36.19 11.19
C THR C 276 6.39 -35.32 12.19
N PRO C 277 6.53 -35.77 13.44
CA PRO C 277 7.10 -34.89 14.49
C PRO C 277 8.46 -34.28 14.13
N ALA C 278 9.35 -35.05 13.52
CA ALA C 278 10.65 -34.51 13.13
C ALA C 278 10.51 -33.36 12.14
N VAL C 279 9.46 -33.37 11.32
CA VAL C 279 9.21 -32.26 10.39
C VAL C 279 8.43 -31.15 11.06
N ALA C 280 7.41 -31.48 11.85
CA ALA C 280 6.64 -30.46 12.54
C ALA C 280 7.49 -29.64 13.50
N ARG C 281 8.62 -30.20 13.97
CA ARG C 281 9.50 -29.52 14.92
C ARG C 281 10.06 -28.22 14.35
N TRP C 282 10.15 -28.09 13.03
CA TRP C 282 10.73 -26.90 12.43
C TRP C 282 9.83 -25.68 12.50
N GLY C 283 8.54 -25.86 12.73
CA GLY C 283 7.62 -24.75 12.89
C GLY C 283 6.74 -24.57 11.67
N ARG C 284 5.70 -23.77 11.85
CA ARG C 284 4.81 -23.42 10.76
C ARG C 284 5.43 -22.32 9.92
N PHE C 285 4.97 -22.21 8.67
CA PHE C 285 5.52 -21.18 7.81
C PHE C 285 4.56 -20.90 6.68
N LYS C 286 4.63 -19.68 6.17
CA LYS C 286 3.84 -19.33 4.99
C LYS C 286 4.55 -19.87 3.76
N GLN C 287 3.83 -20.63 2.96
CA GLN C 287 4.35 -21.17 1.71
C GLN C 287 3.83 -20.34 0.54
N ASP C 288 4.59 -20.35 -0.55
CA ASP C 288 4.14 -19.72 -1.79
C ASP C 288 2.93 -20.47 -2.32
N PHE C 289 1.92 -19.73 -2.76
CA PHE C 289 0.73 -20.34 -3.33
C PHE C 289 0.70 -20.31 -4.85
N ILE C 290 1.80 -19.92 -5.50
CA ILE C 290 1.92 -20.07 -6.94
C ILE C 290 1.72 -21.54 -7.32
N ASN C 291 1.07 -21.78 -8.46
CA ASN C 291 0.87 -23.15 -8.90
C ASN C 291 2.20 -23.77 -9.29
N VAL C 292 2.50 -24.97 -8.77
CA VAL C 292 3.85 -25.50 -8.94
C VAL C 292 4.14 -25.93 -10.36
N SER C 293 3.13 -26.02 -11.24
CA SER C 293 3.44 -26.30 -12.65
C SER C 293 4.25 -25.19 -13.28
N VAL C 294 4.24 -24.00 -12.68
CA VAL C 294 5.08 -22.92 -13.18
C VAL C 294 6.56 -23.30 -13.11
N ALA C 295 6.91 -24.19 -12.16
CA ALA C 295 8.28 -24.69 -12.08
C ALA C 295 8.70 -25.32 -13.40
N GLY C 296 7.76 -25.94 -14.12
CA GLY C 296 8.02 -26.47 -15.44
C GLY C 296 7.89 -25.43 -16.53
N GLN C 297 6.86 -24.57 -16.43
CA GLN C 297 6.62 -23.57 -17.47
C GLN C 297 7.83 -22.67 -17.69
N ASN C 298 8.49 -22.27 -16.60
CA ASN C 298 9.62 -21.37 -16.65
C ASN C 298 10.95 -22.09 -16.49
N GLN C 299 10.96 -23.41 -16.63
CA GLN C 299 12.19 -24.16 -16.45
C GLN C 299 13.26 -23.70 -17.42
N GLN C 300 12.89 -23.51 -18.70
CA GLN C 300 13.90 -23.14 -19.67
C GLN C 300 14.44 -21.75 -19.41
N LYS C 301 13.58 -20.81 -19.03
CA LYS C 301 14.05 -19.49 -18.65
C LYS C 301 14.98 -19.58 -17.44
N ALA C 302 14.66 -20.47 -16.50
CA ALA C 302 15.51 -20.64 -15.32
C ALA C 302 16.88 -21.21 -15.69
N ILE C 303 16.89 -22.21 -16.57
CA ILE C 303 18.16 -22.78 -17.04
C ILE C 303 19.03 -21.71 -17.66
N MET C 304 18.44 -20.88 -18.53
N MET C 304 18.45 -20.91 -18.56
CA MET C 304 19.21 -19.84 -19.20
CA MET C 304 19.20 -19.84 -19.20
C MET C 304 19.64 -18.74 -18.24
C MET C 304 19.69 -18.84 -18.16
N THR C 305 18.84 -18.47 -17.21
CA THR C 305 19.23 -17.49 -16.20
C THR C 305 20.46 -17.92 -15.44
N MET C 306 20.46 -19.18 -14.96
CA MET C 306 21.58 -19.64 -14.17
C MET C 306 22.84 -19.72 -15.03
N LYS C 307 22.68 -20.06 -16.30
CA LYS C 307 23.82 -20.09 -17.22
C LYS C 307 24.43 -18.71 -17.39
N ARG C 308 23.57 -17.69 -17.61
CA ARG C 308 24.06 -16.34 -17.80
C ARG C 308 24.76 -15.80 -16.56
N ALA C 309 24.35 -16.26 -15.38
CA ALA C 309 24.91 -15.75 -14.14
C ALA C 309 26.22 -16.41 -13.75
N GLY C 310 26.67 -17.42 -14.49
CA GLY C 310 27.85 -18.17 -14.10
C GLY C 310 27.63 -19.09 -12.94
N TYR C 311 26.39 -19.55 -12.77
CA TYR C 311 26.00 -20.42 -11.67
C TYR C 311 26.19 -21.86 -12.13
N LYS C 312 27.25 -22.49 -11.65
CA LYS C 312 27.62 -23.85 -12.07
C LYS C 312 26.86 -24.91 -11.30
N GLU D 2 -20.66 -32.23 11.11
CA GLU D 2 -19.27 -31.80 11.25
C GLU D 2 -19.04 -30.44 10.61
N ILE D 3 -18.15 -29.64 11.21
CA ILE D 3 -17.75 -28.34 10.68
C ILE D 3 -16.22 -28.27 10.63
N VAL D 4 -15.72 -27.45 9.71
CA VAL D 4 -14.29 -27.26 9.51
C VAL D 4 -13.94 -25.81 9.85
N VAL D 5 -12.95 -25.62 10.72
CA VAL D 5 -12.54 -24.30 11.16
C VAL D 5 -11.14 -24.05 10.61
N TYR D 6 -11.00 -23.01 9.80
CA TYR D 6 -9.70 -22.50 9.44
C TYR D 6 -9.30 -21.48 10.50
N SER D 7 -8.19 -21.74 11.20
CA SER D 7 -7.83 -20.98 12.38
C SER D 7 -6.38 -20.50 12.31
N ALA D 8 -6.18 -19.22 12.62
CA ALA D 8 -4.85 -18.66 12.77
C ALA D 8 -4.38 -18.66 14.22
N ARG D 9 -5.15 -19.23 15.13
CA ARG D 9 -4.74 -19.32 16.52
C ARG D 9 -3.79 -20.51 16.71
N ALA D 10 -3.09 -20.51 17.84
CA ALA D 10 -2.24 -21.65 18.19
C ALA D 10 -3.08 -22.92 18.25
N ASP D 11 -2.57 -23.99 17.63
CA ASP D 11 -3.33 -25.24 17.56
C ASP D 11 -3.70 -25.73 18.96
N GLU D 12 -2.80 -25.58 19.92
CA GLU D 12 -3.10 -26.03 21.28
C GLU D 12 -4.17 -25.17 21.95
N LEU D 13 -4.42 -23.97 21.44
CA LEU D 13 -5.39 -23.08 22.06
C LEU D 13 -6.82 -23.37 21.63
N LEU D 14 -7.01 -23.82 20.38
CA LEU D 14 -8.34 -24.11 19.88
C LEU D 14 -8.83 -25.52 20.23
N LYS D 15 -7.93 -26.41 20.66
CA LYS D 15 -8.33 -27.77 21.00
C LYS D 15 -9.39 -27.81 22.10
N PRO D 16 -9.26 -27.09 23.22
CA PRO D 16 -10.38 -27.10 24.18
C PRO D 16 -11.66 -26.52 23.64
N ILE D 17 -11.58 -25.63 22.65
CA ILE D 17 -12.79 -25.05 22.06
C ILE D 17 -13.53 -26.10 21.25
N ALA D 18 -12.80 -26.83 20.40
CA ALA D 18 -13.43 -27.85 19.55
C ALA D 18 -14.03 -28.97 20.38
N GLU D 19 -13.36 -29.35 21.47
CA GLU D 19 -13.87 -30.43 22.30
C GLU D 19 -15.11 -30.01 23.07
N ALA D 20 -15.11 -28.79 23.62
CA ALA D 20 -16.27 -28.35 24.40
C ALA D 20 -17.50 -28.16 23.53
N TYR D 21 -17.30 -27.80 22.25
CA TYR D 21 -18.45 -27.62 21.36
C TYR D 21 -18.99 -28.95 20.87
N GLN D 22 -18.11 -29.92 20.63
CA GLN D 22 -18.57 -31.25 20.25
C GLN D 22 -19.35 -31.89 21.40
N GLN D 23 -18.91 -31.65 22.64
CA GLN D 23 -19.63 -32.19 23.79
C GLN D 23 -20.98 -31.50 23.96
N LYS D 24 -21.05 -30.20 23.70
CA LYS D 24 -22.30 -29.47 23.94
C LYS D 24 -23.31 -29.73 22.83
N THR D 25 -22.86 -29.85 21.59
CA THR D 25 -23.77 -29.92 20.45
C THR D 25 -23.65 -31.19 19.62
N GLY D 26 -22.64 -32.03 19.86
CA GLY D 26 -22.45 -33.22 19.06
C GLY D 26 -21.80 -33.01 17.72
N THR D 27 -21.48 -31.77 17.36
CA THR D 27 -20.89 -31.47 16.06
C THR D 27 -19.38 -31.62 16.15
N LYS D 28 -18.80 -32.41 15.25
CA LYS D 28 -17.35 -32.55 15.18
C LYS D 28 -16.76 -31.26 14.65
N VAL D 29 -15.69 -30.77 15.30
CA VAL D 29 -15.05 -29.52 14.93
C VAL D 29 -13.64 -29.83 14.47
N THR D 30 -13.43 -29.86 13.16
CA THR D 30 -12.12 -30.09 12.57
C THR D 30 -11.43 -28.76 12.34
N VAL D 31 -10.24 -28.61 12.90
CA VAL D 31 -9.48 -27.37 12.84
C VAL D 31 -8.30 -27.59 11.91
N VAL D 32 -8.19 -26.76 10.89
CA VAL D 32 -7.00 -26.71 10.03
C VAL D 32 -6.29 -25.41 10.36
N SER D 33 -5.08 -25.51 10.90
CA SER D 33 -4.35 -24.35 11.42
C SER D 33 -3.24 -23.94 10.46
N ASP D 34 -3.00 -22.63 10.38
CA ASP D 34 -1.96 -22.06 9.54
C ASP D 34 -1.83 -20.58 9.89
N LYS D 35 -0.84 -19.92 9.30
CA LYS D 35 -0.72 -18.48 9.46
C LYS D 35 -1.89 -17.78 8.77
N ALA D 36 -2.15 -16.54 9.20
CA ALA D 36 -3.34 -15.82 8.74
C ALA D 36 -3.38 -15.68 7.22
N GLY D 37 -2.29 -15.19 6.63
CA GLY D 37 -2.23 -14.97 5.19
C GLY D 37 -2.58 -16.19 4.36
N PRO D 38 -1.85 -17.30 4.58
CA PRO D 38 -2.16 -18.53 3.81
C PRO D 38 -3.59 -18.99 3.90
N LEU D 39 -4.24 -18.82 5.06
CA LEU D 39 -5.64 -19.20 5.20
C LEU D 39 -6.52 -18.43 4.24
N MET D 40 -6.31 -17.12 4.16
CA MET D 40 -7.09 -16.31 3.24
C MET D 40 -6.77 -16.68 1.80
N GLU D 41 -5.51 -16.98 1.50
CA GLU D 41 -5.17 -17.44 0.15
C GLU D 41 -5.78 -18.81 -0.16
N ARG D 42 -5.90 -19.67 0.86
CA ARG D 42 -6.55 -20.97 0.64
C ARG D 42 -8.04 -20.79 0.35
N LEU D 43 -8.71 -19.96 1.14
CA LEU D 43 -10.14 -19.75 0.94
C LEU D 43 -10.39 -19.19 -0.46
N LYS D 44 -9.55 -18.26 -0.89
CA LYS D 44 -9.71 -17.70 -2.24
C LYS D 44 -9.49 -18.76 -3.31
N ALA D 45 -8.48 -19.63 -3.13
CA ALA D 45 -8.19 -20.64 -4.14
C ALA D 45 -9.19 -21.80 -4.12
N GLU D 46 -9.66 -22.19 -2.93
CA GLU D 46 -10.56 -23.32 -2.82
C GLU D 46 -11.93 -23.00 -3.41
N GLY D 47 -12.32 -21.73 -3.41
CA GLY D 47 -13.53 -21.29 -4.09
C GLY D 47 -14.79 -21.89 -3.51
N LYS D 48 -15.74 -22.17 -4.41
CA LYS D 48 -17.07 -22.64 -3.98
C LYS D 48 -17.01 -24.03 -3.39
N ASN D 49 -16.00 -24.83 -3.75
CA ASN D 49 -15.88 -26.21 -3.29
C ASN D 49 -15.14 -26.33 -1.96
N THR D 50 -14.90 -25.23 -1.27
CA THR D 50 -14.13 -25.30 -0.03
C THR D 50 -14.87 -26.09 1.04
N GLN D 51 -14.10 -26.72 1.92
CA GLN D 51 -14.63 -27.44 3.06
C GLN D 51 -14.62 -26.61 4.33
N ALA D 52 -14.02 -25.42 4.28
CA ALA D 52 -14.00 -24.57 5.46
C ALA D 52 -15.35 -23.92 5.65
N ASP D 53 -15.77 -23.81 6.91
CA ASP D 53 -17.03 -23.18 7.27
C ASP D 53 -16.85 -21.86 7.99
N VAL D 54 -15.89 -21.77 8.92
CA VAL D 54 -15.61 -20.56 9.66
C VAL D 54 -14.11 -20.28 9.60
N LEU D 55 -13.77 -19.01 9.43
CA LEU D 55 -12.39 -18.56 9.51
C LEU D 55 -12.20 -17.83 10.83
N ILE D 56 -11.24 -18.30 11.63
CA ILE D 56 -10.80 -17.61 12.83
C ILE D 56 -9.40 -17.08 12.58
N THR D 57 -9.23 -15.76 12.64
CA THR D 57 -7.93 -15.19 12.35
C THR D 57 -7.67 -14.04 13.31
N VAL D 58 -6.50 -13.42 13.17
CA VAL D 58 -5.96 -12.51 14.17
C VAL D 58 -5.76 -11.14 13.53
N ASP D 59 -6.15 -10.11 14.27
CA ASP D 59 -5.96 -8.70 13.96
C ASP D 59 -7.03 -8.22 12.98
N GLY D 60 -7.63 -7.06 13.28
CA GLY D 60 -8.60 -6.48 12.35
C GLY D 60 -8.02 -6.22 10.97
N GLY D 61 -6.70 -6.02 10.89
CA GLY D 61 -6.06 -5.92 9.59
C GLY D 61 -6.28 -7.17 8.74
N ASN D 62 -6.10 -8.35 9.35
CA ASN D 62 -6.28 -9.59 8.59
C ASN D 62 -7.76 -9.87 8.33
N LEU D 63 -8.63 -9.56 9.30
CA LEU D 63 -10.06 -9.72 9.10
C LEU D 63 -10.57 -8.82 7.99
N TRP D 64 -10.03 -7.60 7.90
CA TRP D 64 -10.38 -6.70 6.81
C TRP D 64 -9.85 -7.22 5.48
N GLN D 65 -8.63 -7.78 5.47
CA GLN D 65 -8.09 -8.37 4.23
C GLN D 65 -8.97 -9.50 3.72
N ALA D 66 -9.42 -10.38 4.62
CA ALA D 66 -10.28 -11.48 4.19
C ALA D 66 -11.59 -10.95 3.62
N THR D 67 -12.12 -9.87 4.19
CA THR D 67 -13.35 -9.27 3.67
C THR D 67 -13.13 -8.65 2.30
N GLN D 68 -12.01 -7.95 2.11
CA GLN D 68 -11.71 -7.39 0.79
C GLN D 68 -11.50 -8.49 -0.24
N ALA D 69 -10.96 -9.64 0.19
CA ALA D 69 -10.74 -10.77 -0.70
C ALA D 69 -12.03 -11.51 -1.07
N GLY D 70 -13.15 -11.20 -0.42
CA GLY D 70 -14.42 -11.81 -0.75
C GLY D 70 -14.62 -13.25 -0.30
N VAL D 71 -13.89 -13.70 0.73
CA VAL D 71 -14.01 -15.08 1.20
C VAL D 71 -15.00 -15.25 2.34
N LEU D 72 -15.61 -14.17 2.82
CA LEU D 72 -16.55 -14.21 3.93
C LEU D 72 -17.94 -13.82 3.48
N ARG D 73 -18.97 -14.34 4.18
CA ARG D 73 -20.34 -13.91 3.86
C ARG D 73 -20.95 -13.15 5.03
N PRO D 74 -21.62 -12.03 4.77
CA PRO D 74 -22.24 -11.27 5.87
C PRO D 74 -23.40 -12.04 6.49
N ILE D 75 -23.48 -11.99 7.82
CA ILE D 75 -24.56 -12.62 8.57
C ILE D 75 -25.17 -11.57 9.49
N ASN D 76 -26.50 -11.65 9.67
CA ASN D 76 -27.22 -10.78 10.59
C ASN D 76 -27.59 -11.60 11.82
N SER D 77 -26.90 -11.34 12.93
CA SER D 77 -27.04 -12.12 14.15
C SER D 77 -27.39 -11.18 15.29
N SER D 78 -28.62 -11.32 15.83
CA SER D 78 -29.00 -10.56 17.00
C SER D 78 -28.16 -10.95 18.21
N VAL D 79 -27.73 -12.21 18.29
CA VAL D 79 -26.88 -12.64 19.40
C VAL D 79 -25.52 -11.94 19.32
N LEU D 80 -24.89 -11.97 18.15
CA LEU D 80 -23.56 -11.39 18.02
C LEU D 80 -23.59 -9.87 18.20
N LYS D 81 -24.60 -9.20 17.62
CA LYS D 81 -24.71 -7.75 17.79
C LYS D 81 -24.94 -7.38 19.25
N SER D 82 -25.52 -8.27 20.03
CA SER D 82 -25.74 -7.99 21.44
C SER D 82 -24.49 -8.24 22.27
N ASN D 83 -23.77 -9.35 21.99
CA ASN D 83 -22.63 -9.74 22.82
C ASN D 83 -21.35 -8.99 22.47
N ILE D 84 -21.20 -8.53 21.23
CA ILE D 84 -19.95 -7.95 20.77
C ILE D 84 -20.16 -6.45 20.54
N PRO D 85 -19.42 -5.59 21.22
CA PRO D 85 -19.56 -4.15 20.97
C PRO D 85 -19.34 -3.81 19.50
N SER D 86 -20.06 -2.79 19.04
CA SER D 86 -20.07 -2.47 17.62
C SER D 86 -18.68 -2.17 17.09
N HIS D 87 -17.80 -1.58 17.91
CA HIS D 87 -16.48 -1.23 17.43
C HIS D 87 -15.55 -2.43 17.28
N LEU D 88 -15.99 -3.61 17.72
CA LEU D 88 -15.18 -4.82 17.66
C LEU D 88 -15.66 -5.80 16.61
N ARG D 89 -16.52 -5.36 15.69
CA ARG D 89 -17.05 -6.23 14.66
C ARG D 89 -17.24 -5.46 13.38
N ASP D 90 -17.26 -6.19 12.28
CA ASP D 90 -17.30 -5.56 10.96
C ASP D 90 -18.60 -4.77 10.82
N PRO D 91 -18.55 -3.50 10.39
CA PRO D 91 -19.79 -2.74 10.17
C PRO D 91 -20.70 -3.41 9.17
N LYS D 92 -20.16 -4.12 8.19
CA LYS D 92 -20.95 -4.82 7.19
C LYS D 92 -21.20 -6.28 7.56
N ASN D 93 -20.98 -6.63 8.83
CA ASN D 93 -21.38 -7.91 9.44
C ASN D 93 -20.62 -9.11 8.91
N HIS D 94 -19.41 -8.94 8.38
CA HIS D 94 -18.66 -10.07 7.84
C HIS D 94 -17.89 -10.83 8.91
N TRP D 95 -17.51 -10.17 10.00
CA TRP D 95 -16.73 -10.85 11.03
C TRP D 95 -17.01 -10.19 12.37
N PHE D 96 -16.66 -10.93 13.43
CA PHE D 96 -16.98 -10.52 14.79
C PHE D 96 -15.79 -10.78 15.68
N GLY D 97 -15.30 -9.73 16.33
CA GLY D 97 -14.23 -9.91 17.28
C GLY D 97 -14.68 -10.81 18.42
N LEU D 98 -13.77 -11.70 18.84
CA LEU D 98 -14.06 -12.66 19.88
C LEU D 98 -13.09 -12.59 21.05
N SER D 99 -11.93 -11.96 20.87
CA SER D 99 -11.02 -11.67 21.96
C SER D 99 -10.46 -10.28 21.72
N VAL D 100 -10.07 -9.63 22.79
CA VAL D 100 -9.55 -8.27 22.75
C VAL D 100 -8.11 -8.29 23.27
N ARG D 101 -7.24 -7.57 22.58
CA ARG D 101 -5.90 -7.28 23.07
C ARG D 101 -5.70 -5.77 22.99
N ALA D 102 -4.88 -5.25 23.88
CA ALA D 102 -4.48 -3.86 23.82
C ALA D 102 -3.03 -3.81 23.37
N ARG D 103 -2.73 -2.91 22.45
CA ARG D 103 -1.34 -2.63 22.11
C ARG D 103 -1.01 -1.32 22.79
N THR D 104 -0.17 -1.37 23.81
CA THR D 104 0.00 -0.20 24.67
C THR D 104 1.42 -0.16 25.22
N ILE D 105 1.65 0.77 26.10
CA ILE D 105 2.97 1.13 26.57
C ILE D 105 3.37 0.19 27.71
N PHE D 106 4.64 -0.19 27.73
CA PHE D 106 5.22 -0.92 28.85
C PHE D 106 6.44 -0.15 29.31
N TYR D 107 6.74 -0.21 30.61
CA TYR D 107 7.83 0.61 31.10
C TYR D 107 8.47 -0.10 32.28
N ASN D 108 9.70 0.30 32.59
CA ASN D 108 10.42 -0.18 33.77
C ASN D 108 10.03 0.68 34.97
N PRO D 109 9.23 0.16 35.92
CA PRO D 109 8.71 1.01 37.00
C PRO D 109 9.77 1.46 37.99
N ASN D 110 11.01 1.00 37.85
CA ASN D 110 12.14 1.50 38.62
C ASN D 110 12.81 2.70 37.97
N LYS D 111 12.54 2.94 36.68
CA LYS D 111 13.23 3.99 35.94
C LYS D 111 12.30 5.02 35.34
N VAL D 112 10.99 4.74 35.27
CA VAL D 112 10.02 5.61 34.65
C VAL D 112 8.81 5.69 35.56
N ASN D 113 8.42 6.94 35.96
CA ASN D 113 7.17 7.17 36.68
C ASN D 113 6.01 7.18 35.69
N PRO D 114 4.89 6.53 36.00
CA PRO D 114 3.74 6.57 35.09
C PRO D 114 3.23 7.98 34.81
N SER D 115 3.55 8.95 35.68
CA SER D 115 3.21 10.35 35.42
C SER D 115 3.97 10.90 34.21
N GLU D 116 5.10 10.30 33.87
CA GLU D 116 5.87 10.69 32.71
C GLU D 116 5.24 10.18 31.41
N LEU D 117 4.26 9.30 31.50
CA LEU D 117 3.66 8.65 30.34
C LEU D 117 2.26 9.20 30.09
N SER D 118 1.84 9.18 28.83
CA SER D 118 0.49 9.59 28.46
C SER D 118 0.04 8.95 27.16
N THR D 119 0.63 9.34 26.02
CA THR D 119 0.13 8.95 24.72
C THR D 119 1.20 8.26 23.88
N TYR D 120 0.73 7.57 22.84
CA TYR D 120 1.64 7.05 21.82
C TYR D 120 2.48 8.17 21.24
N ALA D 121 1.87 9.32 20.97
CA ALA D 121 2.60 10.44 20.36
C ALA D 121 3.66 11.02 21.28
N ASP D 122 3.41 11.06 22.60
CA ASP D 122 4.38 11.59 23.55
C ASP D 122 5.69 10.79 23.54
N LEU D 123 5.66 9.55 23.05
CA LEU D 123 6.88 8.77 22.98
C LEU D 123 7.84 9.30 21.94
N ALA D 124 7.36 10.17 21.03
CA ALA D 124 8.27 10.85 20.12
C ALA D 124 8.96 12.05 20.76
N ASP D 125 8.56 12.43 21.97
CA ASP D 125 9.19 13.56 22.64
C ASP D 125 10.68 13.25 22.86
N PRO D 126 11.56 14.21 22.60
CA PRO D 126 13.00 13.94 22.73
C PRO D 126 13.45 13.58 24.14
N LYS D 127 12.58 13.67 25.15
CA LYS D 127 12.95 13.21 26.47
C LYS D 127 13.19 11.71 26.49
N TRP D 128 12.62 10.97 25.53
CA TRP D 128 12.76 9.53 25.49
C TRP D 128 13.95 9.07 24.66
N LYS D 129 14.86 9.97 24.27
CA LYS D 129 15.94 9.59 23.39
C LYS D 129 16.80 8.50 24.03
N GLY D 130 17.00 7.41 23.30
CA GLY D 130 17.78 6.30 23.80
C GLY D 130 17.09 5.44 24.84
N ARG D 131 15.79 5.57 25.04
CA ARG D 131 15.08 4.78 26.03
C ARG D 131 13.94 3.96 25.45
N LEU D 132 13.55 4.22 24.20
CA LEU D 132 12.41 3.54 23.61
C LEU D 132 12.86 2.30 22.85
N CYS D 133 12.06 1.24 22.93
CA CYS D 133 12.23 0.09 22.08
C CYS D 133 10.89 -0.31 21.48
N LEU D 134 10.93 -0.87 20.28
CA LEU D 134 9.72 -1.23 19.58
C LEU D 134 9.90 -2.60 18.96
N ARG D 135 8.79 -3.25 18.65
CA ARG D 135 8.80 -4.42 17.80
C ARG D 135 8.80 -3.96 16.34
N THR D 136 9.29 -4.81 15.44
CA THR D 136 9.47 -4.44 14.04
C THR D 136 8.17 -3.96 13.41
N SER D 137 8.31 -2.97 12.52
CA SER D 137 7.19 -2.46 11.74
C SER D 137 6.62 -3.51 10.79
N ASN D 138 7.38 -4.59 10.55
CA ASN D 138 6.98 -5.67 9.66
C ASN D 138 6.11 -6.66 10.44
N ASN D 139 4.89 -6.21 10.73
CA ASN D 139 4.02 -6.96 11.63
C ASN D 139 2.65 -6.31 11.67
N VAL D 140 1.59 -7.14 11.68
CA VAL D 140 0.24 -6.62 11.53
C VAL D 140 -0.20 -5.85 12.78
N TYR D 141 0.32 -6.18 13.97
CA TYR D 141 -0.07 -5.40 15.14
C TYR D 141 0.34 -3.95 14.99
N ASN D 142 1.57 -3.71 14.53
CA ASN D 142 2.04 -2.35 14.36
C ASN D 142 1.40 -1.67 13.16
N GLN D 143 1.19 -2.41 12.06
CA GLN D 143 0.41 -1.87 10.94
C GLN D 143 -0.94 -1.39 11.42
N SER D 144 -1.62 -2.21 12.22
CA SER D 144 -2.94 -1.84 12.72
C SER D 144 -2.88 -0.64 13.68
N LEU D 145 -1.90 -0.62 14.57
CA LEU D 145 -1.77 0.51 15.49
C LEU D 145 -1.53 1.81 14.75
N VAL D 146 -0.56 1.82 13.83
CA VAL D 146 -0.27 3.04 13.11
C VAL D 146 -1.43 3.41 12.18
N ALA D 147 -2.19 2.41 11.73
CA ALA D 147 -3.37 2.69 10.92
C ALA D 147 -4.42 3.48 11.70
N THR D 148 -4.61 3.17 12.99
CA THR D 148 -5.55 3.92 13.82
C THR D 148 -4.98 5.28 14.21
N MET D 149 -3.66 5.38 14.39
CA MET D 149 -3.08 6.69 14.66
C MET D 149 -3.35 7.67 13.51
N ILE D 150 -3.25 7.18 12.28
CA ILE D 150 -3.54 8.02 11.10
C ILE D 150 -5.00 8.46 11.11
N ALA D 151 -5.92 7.56 11.43
CA ALA D 151 -7.33 7.93 11.47
C ALA D 151 -7.60 8.95 12.58
N ASN D 152 -6.93 8.80 13.72
CA ASN D 152 -7.22 9.64 14.88
C ASN D 152 -6.50 10.99 14.85
N HIS D 153 -5.28 11.05 14.31
CA HIS D 153 -4.45 12.24 14.45
C HIS D 153 -3.96 12.84 13.14
N GLY D 154 -4.23 12.19 12.02
CA GLY D 154 -3.83 12.70 10.73
C GLY D 154 -2.52 12.09 10.22
N GLN D 155 -2.36 12.17 8.90
CA GLN D 155 -1.21 11.54 8.27
C GLN D 155 0.08 12.29 8.60
N ALA D 156 0.07 13.62 8.48
CA ALA D 156 1.29 14.37 8.71
C ALA D 156 1.72 14.29 10.17
N THR D 157 0.76 14.34 11.10
CA THR D 157 1.12 14.22 12.51
C THR D 157 1.74 12.87 12.82
N THR D 158 1.14 11.80 12.29
CA THR D 158 1.62 10.45 12.52
C THR D 158 3.01 10.25 11.90
N ASP D 159 3.24 10.83 10.71
CA ASP D 159 4.57 10.81 10.11
C ASP D 159 5.61 11.37 11.06
N ARG D 160 5.31 12.51 11.69
CA ARG D 160 6.24 13.11 12.64
C ARG D 160 6.43 12.23 13.86
N VAL D 161 5.34 11.62 14.34
CA VAL D 161 5.39 10.79 15.54
C VAL D 161 6.26 9.57 15.31
N VAL D 162 5.99 8.86 14.22
CA VAL D 162 6.71 7.62 13.93
C VAL D 162 8.17 7.92 13.66
N LYS D 163 8.46 9.05 13.01
CA LYS D 163 9.86 9.47 12.87
C LYS D 163 10.48 9.78 14.24
N GLY D 164 9.70 10.36 15.14
CA GLY D 164 10.20 10.64 16.47
C GLY D 164 10.48 9.37 17.26
N TRP D 165 9.62 8.36 17.09
CA TRP D 165 9.88 7.05 17.66
C TRP D 165 11.25 6.54 17.25
N VAL D 166 11.51 6.56 15.94
CA VAL D 166 12.75 6.00 15.41
C VAL D 166 13.96 6.77 15.96
N ALA D 167 13.83 8.09 16.05
CA ALA D 167 14.90 8.91 16.60
C ALA D 167 15.18 8.58 18.05
N ASN D 168 14.19 8.04 18.78
CA ASN D 168 14.33 7.78 20.20
C ASN D 168 14.74 6.35 20.51
N LEU D 169 14.94 5.51 19.51
CA LEU D 169 15.18 4.09 19.76
C LEU D 169 16.45 3.84 20.54
N ALA D 170 16.35 3.01 21.58
CA ALA D 170 17.53 2.56 22.29
C ALA D 170 18.22 1.41 21.59
N ALA D 171 17.50 0.72 20.72
CA ALA D 171 18.02 -0.43 19.98
C ALA D 171 17.20 -0.59 18.71
N ALA D 172 17.68 -1.43 17.81
CA ALA D 172 16.94 -1.74 16.60
C ALA D 172 15.64 -2.47 16.95
N PRO D 173 14.59 -2.31 16.16
CA PRO D 173 13.33 -2.98 16.46
C PRO D 173 13.49 -4.48 16.60
N PHE D 174 12.80 -5.02 17.61
CA PHE D 174 12.87 -6.44 17.93
C PHE D 174 11.97 -7.26 17.03
N ALA D 175 12.28 -8.55 16.96
CA ALA D 175 11.59 -9.40 16.00
C ALA D 175 10.22 -9.83 16.51
N ASN D 176 9.97 -9.77 17.81
CA ASN D 176 8.66 -10.13 18.33
C ASN D 176 8.40 -9.36 19.62
N ASP D 177 7.14 -9.41 20.08
CA ASP D 177 6.77 -8.63 21.27
C ASP D 177 7.41 -9.19 22.53
N THR D 178 7.55 -10.51 22.62
CA THR D 178 8.13 -11.09 23.83
C THR D 178 9.60 -10.69 23.99
N ALA D 179 10.36 -10.70 22.89
CA ALA D 179 11.75 -10.25 22.96
C ALA D 179 11.84 -8.81 23.39
N LEU D 180 10.86 -7.99 22.95
CA LEU D 180 10.84 -6.60 23.36
CA LEU D 180 10.81 -6.60 23.35
C LEU D 180 10.64 -6.47 24.86
N LEU D 181 9.64 -7.15 25.42
CA LEU D 181 9.41 -7.08 26.85
C LEU D 181 10.62 -7.60 27.63
N GLU D 182 11.27 -8.65 27.13
CA GLU D 182 12.43 -9.22 27.81
C GLU D 182 13.61 -8.25 27.77
N ALA D 183 13.67 -7.39 26.76
CA ALA D 183 14.71 -6.37 26.70
C ALA D 183 14.42 -5.22 27.67
N ILE D 184 13.14 -4.96 27.96
CA ILE D 184 12.83 -4.05 29.05
C ILE D 184 13.26 -4.67 30.37
N ASP D 185 12.94 -5.95 30.56
CA ASP D 185 13.33 -6.65 31.79
C ASP D 185 14.85 -6.71 31.93
N ALA D 186 15.57 -6.87 30.82
CA ALA D 186 17.03 -6.96 30.85
C ALA D 186 17.72 -5.61 31.07
N GLY D 187 16.99 -4.49 31.00
CA GLY D 187 17.56 -3.17 31.20
C GLY D 187 18.01 -2.45 29.94
N ARG D 188 17.87 -3.07 28.78
CA ARG D 188 18.26 -2.43 27.53
C ARG D 188 17.28 -1.34 27.13
N CYS D 189 16.01 -1.50 27.48
CA CYS D 189 14.91 -0.63 27.09
C CYS D 189 14.16 -0.16 28.33
N ASP D 190 13.82 1.13 28.39
CA ASP D 190 13.03 1.65 29.49
C ASP D 190 11.53 1.74 29.19
N VAL D 191 11.16 2.00 27.94
N VAL D 191 11.15 2.04 27.95
CA VAL D 191 9.76 2.06 27.54
CA VAL D 191 9.77 2.10 27.52
C VAL D 191 9.63 1.33 26.21
C VAL D 191 9.64 1.32 26.22
N GLY D 192 8.48 0.69 26.01
CA GLY D 192 8.18 0.03 24.74
C GLY D 192 6.70 -0.01 24.47
N ILE D 193 6.35 -0.59 23.31
CA ILE D 193 4.96 -0.79 22.90
C ILE D 193 4.78 -2.26 22.52
N ALA D 194 3.76 -2.91 23.07
CA ALA D 194 3.55 -4.34 22.81
C ALA D 194 2.09 -4.72 23.09
N ASN D 195 1.73 -5.94 22.71
CA ASN D 195 0.39 -6.49 23.01
C ASN D 195 0.33 -7.02 24.44
N THR D 196 -0.80 -6.77 25.12
CA THR D 196 -0.91 -7.10 26.54
C THR D 196 -0.83 -8.60 26.80
N TYR D 197 -1.33 -9.43 25.87
CA TYR D 197 -1.39 -10.87 26.17
C TYR D 197 0.00 -11.52 26.19
N TYR D 198 0.99 -10.95 25.48
CA TYR D 198 2.36 -11.45 25.65
C TYR D 198 2.89 -11.14 27.05
N TYR D 199 2.48 -10.02 27.63
CA TYR D 199 2.88 -9.69 28.97
C TYR D 199 2.28 -10.65 29.99
N GLY D 200 0.99 -10.96 29.85
CA GLY D 200 0.39 -11.95 30.72
C GLY D 200 1.04 -13.31 30.57
N ARG D 201 1.38 -13.69 29.33
CA ARG D 201 2.08 -14.95 29.11
C ARG D 201 3.45 -14.95 29.77
N LEU D 202 4.16 -13.82 29.69
CA LEU D 202 5.50 -13.73 30.25
C LEU D 202 5.48 -13.80 31.78
N LEU D 203 4.56 -13.06 32.42
CA LEU D 203 4.46 -13.12 33.87
C LEU D 203 3.98 -14.47 34.37
N ASN D 204 3.21 -15.20 33.55
CA ASN D 204 2.77 -16.52 33.95
C ASN D 204 3.94 -17.47 34.11
N SER D 205 4.93 -17.39 33.23
CA SER D 205 6.10 -18.26 33.30
C SER D 205 7.24 -17.67 34.11
N LYS D 206 7.38 -16.33 34.16
CA LYS D 206 8.43 -15.66 34.91
C LYS D 206 7.85 -14.49 35.68
N PRO D 207 7.23 -14.76 36.83
CA PRO D 207 6.58 -13.67 37.59
C PRO D 207 7.53 -12.58 38.01
N GLN D 208 8.82 -12.85 38.10
CA GLN D 208 9.79 -11.83 38.49
C GLN D 208 9.93 -10.74 37.43
N VAL D 209 9.45 -10.97 36.20
CA VAL D 209 9.50 -9.93 35.18
C VAL D 209 8.75 -8.67 35.64
N ALA D 210 7.70 -8.83 36.45
CA ALA D 210 6.92 -7.69 36.92
C ALA D 210 7.74 -6.67 37.68
N ASN D 211 8.90 -7.08 38.23
CA ASN D 211 9.76 -6.14 38.94
C ASN D 211 10.26 -5.04 38.00
N ASN D 212 10.56 -5.41 36.75
CA ASN D 212 11.20 -4.50 35.80
C ASN D 212 10.32 -4.09 34.65
N VAL D 213 9.09 -4.62 34.54
CA VAL D 213 8.22 -4.34 33.40
C VAL D 213 6.78 -4.20 33.89
N LYS D 214 6.18 -3.02 33.64
CA LYS D 214 4.80 -2.77 34.00
C LYS D 214 4.05 -2.24 32.78
N VAL D 215 2.73 -2.42 32.78
CA VAL D 215 1.90 -1.96 31.67
C VAL D 215 1.32 -0.59 32.01
N PHE D 216 1.23 0.28 31.00
CA PHE D 216 0.58 1.58 31.11
C PHE D 216 -0.45 1.68 30.00
N PHE D 217 -1.68 2.00 30.35
CA PHE D 217 -2.72 2.11 29.33
C PHE D 217 -2.73 3.51 28.74
N ALA D 218 -2.44 3.59 27.43
CA ALA D 218 -2.13 4.84 26.74
C ALA D 218 -3.41 5.59 26.36
N ASN D 219 -3.24 6.90 26.17
CA ASN D 219 -4.26 7.76 25.54
C ASN D 219 -5.57 7.79 26.33
N GLN D 220 -5.48 7.77 27.67
CA GLN D 220 -6.68 7.77 28.48
C GLN D 220 -7.35 9.16 28.46
N ALA D 221 -6.56 10.22 28.29
CA ALA D 221 -7.12 11.56 28.22
C ALA D 221 -7.82 11.81 26.90
N GLY D 222 -7.48 11.06 25.86
CA GLY D 222 -8.12 11.21 24.57
C GLY D 222 -9.12 10.11 24.22
N LYS D 223 -8.93 9.46 23.06
CA LYS D 223 -9.87 8.46 22.56
C LYS D 223 -9.76 7.11 23.26
N GLY D 224 -8.66 6.86 23.96
CA GLY D 224 -8.49 5.60 24.67
C GLY D 224 -7.33 4.80 24.08
N THR D 225 -7.08 3.66 24.72
CA THR D 225 -6.00 2.79 24.32
C THR D 225 -6.35 2.01 23.06
N HIS D 226 -5.38 1.88 22.17
CA HIS D 226 -5.59 1.07 20.98
C HIS D 226 -5.89 -0.37 21.37
N VAL D 227 -7.01 -0.88 20.87
CA VAL D 227 -7.35 -2.28 21.06
C VAL D 227 -7.51 -2.90 19.69
N ASN D 228 -7.35 -4.22 19.65
CA ASN D 228 -7.52 -4.99 18.44
C ASN D 228 -8.14 -6.31 18.86
N VAL D 229 -8.39 -7.19 17.90
CA VAL D 229 -9.15 -8.40 18.17
C VAL D 229 -8.58 -9.59 17.42
N SER D 230 -8.93 -10.77 17.90
CA SER D 230 -9.06 -11.94 17.06
C SER D 230 -10.56 -12.15 16.85
N GLY D 231 -10.93 -12.64 15.67
CA GLY D 231 -12.34 -12.72 15.34
C GLY D 231 -12.64 -13.85 14.39
N ALA D 232 -13.93 -14.03 14.08
CA ALA D 232 -14.37 -15.10 13.21
C ALA D 232 -15.43 -14.62 12.23
N GLY D 233 -15.52 -15.31 11.10
CA GLY D 233 -16.57 -15.06 10.13
C GLY D 233 -16.91 -16.33 9.39
N VAL D 234 -18.08 -16.33 8.76
CA VAL D 234 -18.53 -17.47 7.99
C VAL D 234 -17.90 -17.41 6.60
N VAL D 235 -17.35 -18.54 6.16
CA VAL D 235 -16.77 -18.62 4.82
C VAL D 235 -17.88 -18.44 3.79
N LYS D 236 -17.62 -17.61 2.78
CA LYS D 236 -18.67 -17.25 1.83
C LYS D 236 -19.27 -18.48 1.17
N HIS D 237 -18.41 -19.39 0.69
CA HIS D 237 -18.85 -20.59 -0.03
C HIS D 237 -18.90 -21.82 0.86
N SER D 238 -19.17 -21.66 2.14
CA SER D 238 -19.26 -22.81 3.03
C SER D 238 -20.44 -23.71 2.66
N ASP D 239 -20.22 -25.02 2.75
CA ASP D 239 -21.28 -26.00 2.54
C ASP D 239 -22.16 -26.18 3.76
N ASN D 240 -21.81 -25.60 4.90
CA ASN D 240 -22.59 -25.70 6.13
C ASN D 240 -22.73 -24.32 6.77
N PRO D 241 -23.38 -23.37 6.09
CA PRO D 241 -23.40 -21.99 6.59
C PRO D 241 -24.27 -21.80 7.82
N ALA D 242 -25.28 -22.65 8.03
CA ALA D 242 -26.13 -22.49 9.20
C ALA D 242 -25.38 -22.93 10.46
N GLU D 243 -24.72 -24.08 10.42
CA GLU D 243 -23.97 -24.54 11.58
C GLU D 243 -22.72 -23.70 11.80
N ALA D 244 -22.16 -23.14 10.72
CA ALA D 244 -21.01 -22.24 10.87
C ALA D 244 -21.38 -21.00 11.66
N GLN D 245 -22.56 -20.41 11.37
CA GLN D 245 -22.98 -19.22 12.11
C GLN D 245 -23.27 -19.55 13.57
N LYS D 246 -23.81 -20.74 13.85
CA LYS D 246 -24.10 -21.11 15.22
C LYS D 246 -22.83 -21.25 16.05
N PHE D 247 -21.75 -21.73 15.43
CA PHE D 247 -20.49 -21.90 16.15
C PHE D 247 -19.90 -20.56 16.57
N ILE D 248 -19.95 -19.56 15.67
CA ILE D 248 -19.42 -18.24 15.99
C ILE D 248 -20.26 -17.56 17.06
N GLU D 249 -21.58 -17.72 16.99
CA GLU D 249 -22.45 -17.15 18.02
C GLU D 249 -22.14 -17.75 19.38
N TRP D 250 -21.85 -19.06 19.42
CA TRP D 250 -21.48 -19.68 20.68
C TRP D 250 -20.16 -19.13 21.22
N LEU D 251 -19.19 -18.89 20.33
CA LEU D 251 -17.91 -18.35 20.78
C LEU D 251 -18.07 -17.03 21.52
N SER D 252 -19.12 -16.27 21.21
CA SER D 252 -19.39 -15.01 21.89
C SER D 252 -20.06 -15.19 23.23
N SER D 253 -20.45 -16.41 23.61
N SER D 253 -20.43 -16.42 23.61
CA SER D 253 -21.12 -16.64 24.87
CA SER D 253 -21.12 -16.62 24.87
C SER D 253 -20.13 -16.58 26.03
C SER D 253 -20.13 -16.57 26.03
N ASN D 254 -20.68 -16.42 27.24
CA ASN D 254 -19.86 -16.31 28.44
C ASN D 254 -18.92 -17.50 28.60
N GLU D 255 -19.47 -18.72 28.54
CA GLU D 255 -18.65 -19.90 28.83
C GLU D 255 -17.53 -20.06 27.81
N ALA D 256 -17.80 -19.78 26.53
CA ALA D 256 -16.77 -19.91 25.51
C ALA D 256 -15.76 -18.77 25.57
N GLN D 257 -16.21 -17.56 25.94
CA GLN D 257 -15.29 -16.44 26.06
C GLN D 257 -14.20 -16.73 27.07
N ARG D 258 -14.55 -17.40 28.16
CA ARG D 258 -13.55 -17.77 29.16
C ARG D 258 -12.51 -18.70 28.54
N LEU D 259 -12.96 -19.72 27.81
CA LEU D 259 -12.03 -20.66 27.20
C LEU D 259 -11.20 -20.00 26.10
N TYR D 260 -11.79 -19.08 25.34
CA TYR D 260 -11.13 -18.51 24.17
C TYR D 260 -10.15 -17.40 24.56
N ALA D 261 -10.50 -16.59 25.55
CA ALA D 261 -9.71 -15.41 25.89
C ALA D 261 -8.84 -15.57 27.13
N ASP D 262 -9.38 -16.17 28.21
CA ASP D 262 -8.64 -16.20 29.47
C ASP D 262 -7.34 -16.98 29.33
N ARG D 263 -7.37 -18.13 28.66
CA ARG D 263 -6.20 -18.99 28.55
C ARG D 263 -5.06 -18.33 27.76
N ASN D 264 -5.37 -17.38 26.87
CA ASN D 264 -4.36 -16.66 26.11
C ASN D 264 -4.06 -15.28 26.72
N PHE D 265 -4.56 -15.00 27.92
CA PHE D 265 -4.34 -13.75 28.64
C PHE D 265 -4.83 -12.53 27.88
N GLU D 266 -5.92 -12.70 27.12
CA GLU D 266 -6.58 -11.59 26.46
C GLU D 266 -7.83 -11.19 27.21
N TYR D 267 -8.37 -10.01 26.84
CA TYR D 267 -9.66 -9.59 27.36
C TYR D 267 -10.77 -10.28 26.57
N PRO D 268 -11.88 -10.63 27.20
CA PRO D 268 -13.05 -11.08 26.43
C PRO D 268 -13.58 -9.95 25.57
N ALA D 269 -14.10 -10.30 24.40
CA ALA D 269 -14.77 -9.31 23.57
C ALA D 269 -16.18 -9.01 24.09
N ASN D 270 -16.83 -9.98 24.72
CA ASN D 270 -18.12 -9.80 25.36
C ASN D 270 -17.93 -9.06 26.66
N ILE D 271 -18.41 -7.80 26.73
CA ILE D 271 -18.15 -6.98 27.90
C ILE D 271 -18.89 -7.43 29.14
N GLN D 272 -19.82 -8.38 29.01
CA GLN D 272 -20.48 -8.92 30.18
C GLN D 272 -19.66 -10.00 30.87
N VAL D 273 -18.50 -10.35 30.33
CA VAL D 273 -17.62 -11.36 30.92
C VAL D 273 -16.44 -10.64 31.57
N THR D 274 -16.31 -10.73 32.89
CA THR D 274 -15.22 -10.04 33.56
C THR D 274 -13.90 -10.73 33.18
N PRO D 275 -12.84 -9.96 32.95
CA PRO D 275 -11.58 -10.58 32.53
C PRO D 275 -10.99 -11.41 33.64
N THR D 276 -10.19 -12.39 33.25
CA THR D 276 -9.53 -13.25 34.21
C THR D 276 -8.65 -12.40 35.14
N PRO D 277 -8.50 -12.81 36.40
CA PRO D 277 -7.76 -11.99 37.37
C PRO D 277 -6.36 -11.58 36.94
N ALA D 278 -5.63 -12.47 36.25
CA ALA D 278 -4.29 -12.12 35.78
C ALA D 278 -4.31 -10.91 34.86
N VAL D 279 -5.39 -10.72 34.12
CA VAL D 279 -5.53 -9.56 33.25
C VAL D 279 -6.14 -8.38 33.99
N ALA D 280 -7.19 -8.62 34.78
CA ALA D 280 -7.83 -7.53 35.52
C ALA D 280 -6.86 -6.88 36.50
N ARG D 281 -5.85 -7.62 36.96
CA ARG D 281 -4.89 -7.08 37.90
C ARG D 281 -4.17 -5.86 37.33
N TRP D 282 -4.08 -5.74 36.00
CA TRP D 282 -3.38 -4.61 35.40
C TRP D 282 -4.17 -3.33 35.52
N GLY D 283 -5.45 -3.41 35.83
CA GLY D 283 -6.27 -2.23 36.07
C GLY D 283 -7.26 -1.96 34.95
N ARG D 284 -8.21 -1.09 35.28
CA ARG D 284 -9.22 -0.61 34.33
C ARG D 284 -8.65 0.47 33.44
N PHE D 285 -9.24 0.63 32.26
CA PHE D 285 -8.75 1.62 31.31
C PHE D 285 -9.82 1.91 30.27
N LYS D 286 -9.78 3.13 29.73
CA LYS D 286 -10.63 3.49 28.58
C LYS D 286 -9.95 3.02 27.30
N GLN D 287 -10.69 2.27 26.49
CA GLN D 287 -10.21 1.83 25.19
C GLN D 287 -10.79 2.69 24.09
N ASP D 288 -10.06 2.75 22.98
CA ASP D 288 -10.54 3.45 21.79
C ASP D 288 -11.79 2.75 21.24
N PHE D 289 -12.81 3.54 20.88
CA PHE D 289 -14.03 2.99 20.29
C PHE D 289 -14.05 3.12 18.77
N ILE D 290 -12.93 3.53 18.16
CA ILE D 290 -12.83 3.46 16.70
C ILE D 290 -13.10 2.02 16.27
N ASN D 291 -13.80 1.88 15.15
CA ASN D 291 -14.07 0.52 14.66
C ASN D 291 -12.78 -0.11 14.17
N VAL D 292 -12.51 -1.33 14.62
CA VAL D 292 -11.19 -1.92 14.38
C VAL D 292 -10.98 -2.28 12.92
N SER D 293 -12.03 -2.24 12.09
CA SER D 293 -11.82 -2.45 10.67
C SER D 293 -10.94 -1.38 10.04
N VAL D 294 -10.85 -0.21 10.68
CA VAL D 294 -9.96 0.84 10.20
C VAL D 294 -8.51 0.37 10.20
N ALA D 295 -8.19 -0.60 11.07
CA ALA D 295 -6.84 -1.16 11.04
C ALA D 295 -6.49 -1.72 9.67
N GLY D 296 -7.48 -2.27 8.97
CA GLY D 296 -7.28 -2.75 7.61
C GLY D 296 -7.39 -1.68 6.55
N GLN D 297 -8.38 -0.79 6.70
CA GLN D 297 -8.56 0.29 5.72
C GLN D 297 -7.30 1.14 5.59
N ASN D 298 -6.64 1.43 6.71
CA ASN D 298 -5.48 2.30 6.71
C ASN D 298 -4.17 1.51 6.77
N GLN D 299 -4.23 0.21 6.51
CA GLN D 299 -3.03 -0.62 6.58
C GLN D 299 -1.97 -0.19 5.59
N GLN D 300 -2.34 0.10 4.33
CA GLN D 300 -1.31 0.47 3.37
C GLN D 300 -0.73 1.82 3.71
N LYS D 301 -1.57 2.75 4.17
CA LYS D 301 -1.06 4.05 4.60
C LYS D 301 -0.07 3.89 5.75
N ALA D 302 -0.35 2.94 6.65
CA ALA D 302 0.53 2.69 7.79
C ALA D 302 1.86 2.12 7.35
N ILE D 303 1.84 1.16 6.43
CA ILE D 303 3.06 0.58 5.89
C ILE D 303 3.94 1.68 5.28
N MET D 304 3.37 2.54 4.45
CA MET D 304 4.14 3.61 3.83
C MET D 304 4.68 4.58 4.88
N THR D 305 3.88 4.85 5.90
CA THR D 305 4.33 5.75 6.96
C THR D 305 5.57 5.19 7.67
N MET D 306 5.52 3.91 8.05
CA MET D 306 6.65 3.35 8.79
C MET D 306 7.89 3.25 7.91
N LYS D 307 7.71 2.98 6.62
CA LYS D 307 8.84 2.95 5.70
C LYS D 307 9.50 4.32 5.57
N ARG D 308 8.68 5.36 5.37
CA ARG D 308 9.22 6.72 5.21
C ARG D 308 9.89 7.21 6.49
N ALA D 309 9.46 6.70 7.65
CA ALA D 309 10.01 7.12 8.94
C ALA D 309 11.29 6.38 9.29
N GLY D 310 11.71 5.42 8.48
CA GLY D 310 12.87 4.61 8.80
C GLY D 310 12.63 3.61 9.91
N TYR D 311 11.38 3.18 10.09
CA TYR D 311 10.97 2.26 11.14
C TYR D 311 11.11 0.85 10.58
N LYS D 312 12.15 0.13 11.00
CA LYS D 312 12.42 -1.21 10.46
C LYS D 312 11.65 -2.30 11.19
C CO3 E . 4.29 -0.85 -24.31
O1 CO3 E . 4.92 0.09 -24.96
O2 CO3 E . 3.12 -1.22 -24.76
O3 CO3 E . 4.81 -1.37 -23.24
C CO3 F . 4.35 23.23 -12.72
O1 CO3 F . 5.19 22.93 -13.69
O2 CO3 F . 3.10 22.87 -12.82
O3 CO3 F . 4.76 23.86 -11.64
FE FE G . 3.36 6.46 -25.42
C CO3 H . -21.94 31.12 20.21
O1 CO3 H . -21.16 31.81 19.44
O2 CO3 H . -23.15 30.82 19.83
O3 CO3 H . -21.51 30.72 21.38
C CO3 I . -9.90 21.56 -0.51
O1 CO3 I . -8.93 21.81 -1.34
O2 CO3 I . -11.13 21.61 -0.93
O3 CO3 I . -9.64 21.25 0.75
FE FE J . -11.10 28.78 -2.20
C CO3 K . 18.21 -33.59 -10.60
O1 CO3 K . 19.42 -33.21 -10.35
O2 CO3 K . 17.49 -32.98 -11.52
O3 CO3 K . 17.72 -34.57 -9.90
C CO3 L . 8.64 -11.51 -1.99
O1 CO3 L . 8.01 -12.56 -1.59
O2 CO3 L . 9.75 -11.15 -1.43
O3 CO3 L . 8.14 -10.80 -2.97
FE FE M . 15.94 -35.55 -3.87
C CO3 N . 2.61 -11.21 11.81
O1 CO3 N . 2.58 -12.51 11.62
O2 CO3 N . 2.02 -10.40 10.95
O3 CO3 N . 3.23 -10.75 12.85
C CO3 O . -25.20 -2.34 15.26
O1 CO3 O . -24.00 -1.84 15.25
O2 CO3 O . -25.53 -3.22 16.16
O3 CO3 O . -26.07 -1.96 14.36
FE FE P . 2.97 -12.91 15.96
FE FE Q . 0.43 -15.26 15.88
FE FE R . 0.36 -12.71 18.83
#